data_3G19
# 
_entry.id   3G19 
# 
_audit_conform.dict_name       mmcif_pdbx.dic 
_audit_conform.dict_version    5.387 
_audit_conform.dict_location   http://mmcif.pdb.org/dictionaries/ascii/mmcif_pdbx.dic 
# 
loop_
_database_2.database_id 
_database_2.database_code 
_database_2.pdbx_database_accession 
_database_2.pdbx_DOI 
PDB   3G19         pdb_00003g19 10.2210/pdb3g19/pdb 
RCSB  RCSB051295   ?            ?                   
WWPDB D_1000051295 ?            ?                   
# 
loop_
_pdbx_audit_revision_history.ordinal 
_pdbx_audit_revision_history.data_content_type 
_pdbx_audit_revision_history.major_revision 
_pdbx_audit_revision_history.minor_revision 
_pdbx_audit_revision_history.revision_date 
1 'Structure model' 1 0 2009-04-28 
2 'Structure model' 1 1 2011-07-13 
3 'Structure model' 1 2 2024-02-21 
# 
_pdbx_audit_revision_details.ordinal             1 
_pdbx_audit_revision_details.revision_ordinal    1 
_pdbx_audit_revision_details.data_content_type   'Structure model' 
_pdbx_audit_revision_details.provider            repository 
_pdbx_audit_revision_details.type                'Initial release' 
_pdbx_audit_revision_details.description         ? 
_pdbx_audit_revision_details.details             ? 
# 
loop_
_pdbx_audit_revision_group.ordinal 
_pdbx_audit_revision_group.revision_ordinal 
_pdbx_audit_revision_group.data_content_type 
_pdbx_audit_revision_group.group 
1 2 'Structure model' 'Version format compliance' 
2 3 'Structure model' 'Data collection'           
3 3 'Structure model' 'Database references'       
4 3 'Structure model' 'Derived calculations'      
# 
loop_
_pdbx_audit_revision_category.ordinal 
_pdbx_audit_revision_category.revision_ordinal 
_pdbx_audit_revision_category.data_content_type 
_pdbx_audit_revision_category.category 
1 3 'Structure model' chem_comp_atom 
2 3 'Structure model' chem_comp_bond 
3 3 'Structure model' database_2     
4 3 'Structure model' struct_sheet   
# 
loop_
_pdbx_audit_revision_item.ordinal 
_pdbx_audit_revision_item.revision_ordinal 
_pdbx_audit_revision_item.data_content_type 
_pdbx_audit_revision_item.item 
1 3 'Structure model' '_database_2.pdbx_DOI'                
2 3 'Structure model' '_database_2.pdbx_database_accession' 
3 3 'Structure model' '_struct_sheet.number_strands'        
# 
_pdbx_database_status.entry_id                        3G19 
_pdbx_database_status.deposit_site                    RCSB 
_pdbx_database_status.process_site                    RCSB 
_pdbx_database_status.recvd_initial_deposition_date   2009-01-29 
_pdbx_database_status.status_code                     REL 
_pdbx_database_status.status_code_sf                  REL 
_pdbx_database_status.status_code_mr                  ? 
_pdbx_database_status.SG_entry                        ? 
_pdbx_database_status.pdb_format_compatible           Y 
_pdbx_database_status.status_code_cs                  ? 
_pdbx_database_status.status_code_nmr_data            ? 
_pdbx_database_status.methods_development_category    ? 
# 
loop_
_pdbx_database_related.db_name 
_pdbx_database_related.db_id 
_pdbx_database_related.details 
_pdbx_database_related.content_type 
PDB 3dnj . unspecified 
PDB 3g1b . unspecified 
# 
loop_
_audit_author.name 
_audit_author.pdbx_ordinal 
'Baker, T.A.'         1 
'Roman-Hernandez, G.' 2 
'Sauer, R.T.'         3 
'Grant, R.A.'         4 
# 
_citation.id                        primary 
_citation.title                     'Molecular basis of substrate selection by the N-end rule adaptor protein ClpS.' 
_citation.journal_abbrev            Proc.Natl.Acad.Sci.USA 
_citation.journal_volume            106 
_citation.page_first                8888 
_citation.page_last                 8893 
_citation.year                      2009 
_citation.journal_id_ASTM           PNASA6 
_citation.country                   US 
_citation.journal_id_ISSN           0027-8424 
_citation.journal_id_CSD            0040 
_citation.book_publisher            ? 
_citation.pdbx_database_id_PubMed   19451643 
_citation.pdbx_database_id_DOI      10.1073/pnas.0903614106 
# 
loop_
_citation_author.citation_id 
_citation_author.name 
_citation_author.ordinal 
_citation_author.identifier_ORCID 
primary 'Roman-Hernandez, G.' 1 ? 
primary 'Grant, R.A.'         2 ? 
primary 'Sauer, R.T.'         3 ? 
primary 'Baker, T.A.'         4 ? 
# 
loop_
_entity.id 
_entity.type 
_entity.src_method 
_entity.pdbx_description 
_entity.formula_weight 
_entity.pdbx_number_of_molecules 
_entity.pdbx_ec 
_entity.pdbx_mutation 
_entity.pdbx_fragment 
_entity.details 
1 polymer man 'ATP-dependent Clp protease adapter protein clpS' 9944.347 1   ? ? ? ? 
2 polymer syn 'LLL tripeptide'                                  357.489  1   ? ? ? ? 
3 water   nat water                                             18.015   127 ? ? ? ? 
# 
loop_
_entity_poly.entity_id 
_entity_poly.type 
_entity_poly.nstd_linkage 
_entity_poly.nstd_monomer 
_entity_poly.pdbx_seq_one_letter_code 
_entity_poly.pdbx_seq_one_letter_code_can 
_entity_poly.pdbx_strand_id 
_entity_poly.pdbx_target_identifier 
1 'polypeptide(L)' no no 
;TQKPSLYRVLILNDDYTPMEFVVYVLERFFNKSREDATRIMLHVHQNGVGVCGVYTYEVAETKVAQVIDSARRHQHPLQC
TMEKD
;
;TQKPSLYRVLILNDDYTPMEFVVYVLERFFNKSREDATRIMLHVHQNGVGVCGVYTYEVAETKVAQVIDSARRHQHPLQC
TMEKD
;
A ? 
2 'polypeptide(L)' no no LLL                                                                                      LLL C ? 
# 
_pdbx_entity_nonpoly.entity_id   3 
_pdbx_entity_nonpoly.name        water 
_pdbx_entity_nonpoly.comp_id     HOH 
# 
loop_
_entity_poly_seq.entity_id 
_entity_poly_seq.num 
_entity_poly_seq.mon_id 
_entity_poly_seq.hetero 
1 1  THR n 
1 2  GLN n 
1 3  LYS n 
1 4  PRO n 
1 5  SER n 
1 6  LEU n 
1 7  TYR n 
1 8  ARG n 
1 9  VAL n 
1 10 LEU n 
1 11 ILE n 
1 12 LEU n 
1 13 ASN n 
1 14 ASP n 
1 15 ASP n 
1 16 TYR n 
1 17 THR n 
1 18 PRO n 
1 19 MET n 
1 20 GLU n 
1 21 PHE n 
1 22 VAL n 
1 23 VAL n 
1 24 TYR n 
1 25 VAL n 
1 26 LEU n 
1 27 GLU n 
1 28 ARG n 
1 29 PHE n 
1 30 PHE n 
1 31 ASN n 
1 32 LYS n 
1 33 SER n 
1 34 ARG n 
1 35 GLU n 
1 36 ASP n 
1 37 ALA n 
1 38 THR n 
1 39 ARG n 
1 40 ILE n 
1 41 MET n 
1 42 LEU n 
1 43 HIS n 
1 44 VAL n 
1 45 HIS n 
1 46 GLN n 
1 47 ASN n 
1 48 GLY n 
1 49 VAL n 
1 50 GLY n 
1 51 VAL n 
1 52 CYS n 
1 53 GLY n 
1 54 VAL n 
1 55 TYR n 
1 56 THR n 
1 57 TYR n 
1 58 GLU n 
1 59 VAL n 
1 60 ALA n 
1 61 GLU n 
1 62 THR n 
1 63 LYS n 
1 64 VAL n 
1 65 ALA n 
1 66 GLN n 
1 67 VAL n 
1 68 ILE n 
1 69 ASP n 
1 70 SER n 
1 71 ALA n 
1 72 ARG n 
1 73 ARG n 
1 74 HIS n 
1 75 GLN n 
1 76 HIS n 
1 77 PRO n 
1 78 LEU n 
1 79 GLN n 
1 80 CYS n 
1 81 THR n 
1 82 MET n 
1 83 GLU n 
1 84 LYS n 
1 85 ASP n 
2 1  LEU n 
2 2  LEU n 
2 3  LEU n 
# 
_entity_src_gen.entity_id                          1 
_entity_src_gen.pdbx_src_id                        1 
_entity_src_gen.pdbx_alt_source_flag               sample 
_entity_src_gen.pdbx_seq_type                      ? 
_entity_src_gen.pdbx_beg_seq_num                   ? 
_entity_src_gen.pdbx_end_seq_num                   ? 
_entity_src_gen.gene_src_common_name               'Caulobacter vibrioides' 
_entity_src_gen.gene_src_genus                     ? 
_entity_src_gen.pdbx_gene_src_gene                 'CC_2467, clpS' 
_entity_src_gen.gene_src_species                   ? 
_entity_src_gen.gene_src_strain                    CB15 
_entity_src_gen.gene_src_tissue                    ? 
_entity_src_gen.gene_src_tissue_fraction           ? 
_entity_src_gen.gene_src_details                   ? 
_entity_src_gen.pdbx_gene_src_fragment             ? 
_entity_src_gen.pdbx_gene_src_scientific_name      'Caulobacter vibrioides' 
_entity_src_gen.pdbx_gene_src_ncbi_taxonomy_id     155892 
_entity_src_gen.pdbx_gene_src_variant              ? 
_entity_src_gen.pdbx_gene_src_cell_line            ? 
_entity_src_gen.pdbx_gene_src_atcc                 ? 
_entity_src_gen.pdbx_gene_src_organ                ? 
_entity_src_gen.pdbx_gene_src_organelle            ? 
_entity_src_gen.pdbx_gene_src_cell                 ? 
_entity_src_gen.pdbx_gene_src_cellular_location    ? 
_entity_src_gen.host_org_common_name               ? 
_entity_src_gen.pdbx_host_org_scientific_name      'Escherichia coli' 
_entity_src_gen.pdbx_host_org_ncbi_taxonomy_id     562 
_entity_src_gen.host_org_genus                     ? 
_entity_src_gen.pdbx_host_org_gene                 ? 
_entity_src_gen.pdbx_host_org_organ                ? 
_entity_src_gen.host_org_species                   ? 
_entity_src_gen.pdbx_host_org_tissue               ? 
_entity_src_gen.pdbx_host_org_tissue_fraction      ? 
_entity_src_gen.pdbx_host_org_strain               ? 
_entity_src_gen.pdbx_host_org_variant              ? 
_entity_src_gen.pdbx_host_org_cell_line            ? 
_entity_src_gen.pdbx_host_org_atcc                 ? 
_entity_src_gen.pdbx_host_org_culture_collection   ? 
_entity_src_gen.pdbx_host_org_cell                 ? 
_entity_src_gen.pdbx_host_org_organelle            ? 
_entity_src_gen.pdbx_host_org_cellular_location    ? 
_entity_src_gen.pdbx_host_org_vector_type          plasmid 
_entity_src_gen.pdbx_host_org_vector               ? 
_entity_src_gen.host_org_details                   ? 
_entity_src_gen.expression_system_id               ? 
_entity_src_gen.plasmid_name                       pET23b 
_entity_src_gen.plasmid_details                    ? 
_entity_src_gen.pdbx_description                   ? 
# 
_pdbx_entity_src_syn.entity_id              2 
_pdbx_entity_src_syn.pdbx_src_id            1 
_pdbx_entity_src_syn.pdbx_alt_source_flag   sample 
_pdbx_entity_src_syn.pdbx_beg_seq_num       ? 
_pdbx_entity_src_syn.pdbx_end_seq_num       ? 
_pdbx_entity_src_syn.organism_scientific    ? 
_pdbx_entity_src_syn.organism_common_name   ? 
_pdbx_entity_src_syn.ncbi_taxonomy_id       ? 
_pdbx_entity_src_syn.details                'synthetic peptide' 
# 
loop_
_chem_comp.id 
_chem_comp.type 
_chem_comp.mon_nstd_flag 
_chem_comp.name 
_chem_comp.pdbx_synonyms 
_chem_comp.formula 
_chem_comp.formula_weight 
ALA 'L-peptide linking' y ALANINE         ? 'C3 H7 N O2'     89.093  
ARG 'L-peptide linking' y ARGININE        ? 'C6 H15 N4 O2 1' 175.209 
ASN 'L-peptide linking' y ASPARAGINE      ? 'C4 H8 N2 O3'    132.118 
ASP 'L-peptide linking' y 'ASPARTIC ACID' ? 'C4 H7 N O4'     133.103 
CYS 'L-peptide linking' y CYSTEINE        ? 'C3 H7 N O2 S'   121.158 
GLN 'L-peptide linking' y GLUTAMINE       ? 'C5 H10 N2 O3'   146.144 
GLU 'L-peptide linking' y 'GLUTAMIC ACID' ? 'C5 H9 N O4'     147.129 
GLY 'peptide linking'   y GLYCINE         ? 'C2 H5 N O2'     75.067  
HIS 'L-peptide linking' y HISTIDINE       ? 'C6 H10 N3 O2 1' 156.162 
HOH non-polymer         . WATER           ? 'H2 O'           18.015  
ILE 'L-peptide linking' y ISOLEUCINE      ? 'C6 H13 N O2'    131.173 
LEU 'L-peptide linking' y LEUCINE         ? 'C6 H13 N O2'    131.173 
LYS 'L-peptide linking' y LYSINE          ? 'C6 H15 N2 O2 1' 147.195 
MET 'L-peptide linking' y METHIONINE      ? 'C5 H11 N O2 S'  149.211 
PHE 'L-peptide linking' y PHENYLALANINE   ? 'C9 H11 N O2'    165.189 
PRO 'L-peptide linking' y PROLINE         ? 'C5 H9 N O2'     115.130 
SER 'L-peptide linking' y SERINE          ? 'C3 H7 N O3'     105.093 
THR 'L-peptide linking' y THREONINE       ? 'C4 H9 N O3'     119.119 
TYR 'L-peptide linking' y TYROSINE        ? 'C9 H11 N O3'    181.189 
VAL 'L-peptide linking' y VALINE          ? 'C5 H11 N O2'    117.146 
# 
loop_
_pdbx_poly_seq_scheme.asym_id 
_pdbx_poly_seq_scheme.entity_id 
_pdbx_poly_seq_scheme.seq_id 
_pdbx_poly_seq_scheme.mon_id 
_pdbx_poly_seq_scheme.ndb_seq_num 
_pdbx_poly_seq_scheme.pdb_seq_num 
_pdbx_poly_seq_scheme.auth_seq_num 
_pdbx_poly_seq_scheme.pdb_mon_id 
_pdbx_poly_seq_scheme.auth_mon_id 
_pdbx_poly_seq_scheme.pdb_strand_id 
_pdbx_poly_seq_scheme.pdb_ins_code 
_pdbx_poly_seq_scheme.hetero 
A 1 1  THR 1  35  ?   ?   ?   A . n 
A 1 2  GLN 2  36  36  GLN GLN A . n 
A 1 3  LYS 3  37  37  LYS LYS A . n 
A 1 4  PRO 4  38  38  PRO PRO A . n 
A 1 5  SER 5  39  39  SER SER A . n 
A 1 6  LEU 6  40  40  LEU LEU A . n 
A 1 7  TYR 7  41  41  TYR TYR A . n 
A 1 8  ARG 8  42  42  ARG ARG A . n 
A 1 9  VAL 9  43  43  VAL VAL A . n 
A 1 10 LEU 10 44  44  LEU LEU A . n 
A 1 11 ILE 11 45  45  ILE ILE A . n 
A 1 12 LEU 12 46  46  LEU LEU A . n 
A 1 13 ASN 13 47  47  ASN ASN A . n 
A 1 14 ASP 14 48  48  ASP ASP A . n 
A 1 15 ASP 15 49  49  ASP ASP A . n 
A 1 16 TYR 16 50  50  TYR TYR A . n 
A 1 17 THR 17 51  51  THR THR A . n 
A 1 18 PRO 18 52  52  PRO PRO A . n 
A 1 19 MET 19 53  53  MET MET A . n 
A 1 20 GLU 20 54  54  GLU GLU A . n 
A 1 21 PHE 21 55  55  PHE PHE A . n 
A 1 22 VAL 22 56  56  VAL VAL A . n 
A 1 23 VAL 23 57  57  VAL VAL A . n 
A 1 24 TYR 24 58  58  TYR TYR A . n 
A 1 25 VAL 25 59  59  VAL VAL A . n 
A 1 26 LEU 26 60  60  LEU LEU A . n 
A 1 27 GLU 27 61  61  GLU GLU A . n 
A 1 28 ARG 28 62  62  ARG ARG A . n 
A 1 29 PHE 29 63  63  PHE PHE A . n 
A 1 30 PHE 30 64  64  PHE PHE A . n 
A 1 31 ASN 31 65  65  ASN ASN A . n 
A 1 32 LYS 32 66  66  LYS LYS A . n 
A 1 33 SER 33 67  67  SER SER A . n 
A 1 34 ARG 34 68  68  ARG ARG A . n 
A 1 35 GLU 35 69  69  GLU GLU A . n 
A 1 36 ASP 36 70  70  ASP ASP A . n 
A 1 37 ALA 37 71  71  ALA ALA A . n 
A 1 38 THR 38 72  72  THR THR A . n 
A 1 39 ARG 39 73  73  ARG ARG A . n 
A 1 40 ILE 40 74  74  ILE ILE A . n 
A 1 41 MET 41 75  75  MET MET A . n 
A 1 42 LEU 42 76  76  LEU LEU A . n 
A 1 43 HIS 43 77  77  HIS HIS A . n 
A 1 44 VAL 44 78  78  VAL VAL A . n 
A 1 45 HIS 45 79  79  HIS HIS A . n 
A 1 46 GLN 46 80  80  GLN GLN A . n 
A 1 47 ASN 47 81  81  ASN ASN A . n 
A 1 48 GLY 48 82  82  GLY GLY A . n 
A 1 49 VAL 49 83  83  VAL VAL A . n 
A 1 50 GLY 50 84  84  GLY GLY A . n 
A 1 51 VAL 51 85  85  VAL VAL A . n 
A 1 52 CYS 52 86  86  CYS CYS A . n 
A 1 53 GLY 53 87  87  GLY GLY A . n 
A 1 54 VAL 54 88  88  VAL VAL A . n 
A 1 55 TYR 55 89  89  TYR TYR A . n 
A 1 56 THR 56 90  90  THR THR A . n 
A 1 57 TYR 57 91  91  TYR TYR A . n 
A 1 58 GLU 58 92  92  GLU GLU A . n 
A 1 59 VAL 59 93  93  VAL VAL A . n 
A 1 60 ALA 60 94  94  ALA ALA A . n 
A 1 61 GLU 61 95  95  GLU GLU A . n 
A 1 62 THR 62 96  96  THR THR A . n 
A 1 63 LYS 63 97  97  LYS LYS A . n 
A 1 64 VAL 64 98  98  VAL VAL A . n 
A 1 65 ALA 65 99  99  ALA ALA A . n 
A 1 66 GLN 66 100 100 GLN GLN A . n 
A 1 67 VAL 67 101 101 VAL VAL A . n 
A 1 68 ILE 68 102 102 ILE ILE A . n 
A 1 69 ASP 69 103 103 ASP ASP A . n 
A 1 70 SER 70 104 104 SER SER A . n 
A 1 71 ALA 71 105 105 ALA ALA A . n 
A 1 72 ARG 72 106 106 ARG ARG A . n 
A 1 73 ARG 73 107 107 ARG ARG A . n 
A 1 74 HIS 74 108 108 HIS HIS A . n 
A 1 75 GLN 75 109 109 GLN GLN A . n 
A 1 76 HIS 76 110 110 HIS HIS A . n 
A 1 77 PRO 77 111 111 PRO PRO A . n 
A 1 78 LEU 78 112 112 LEU LEU A . n 
A 1 79 GLN 79 113 113 GLN GLN A . n 
A 1 80 CYS 80 114 114 CYS CYS A . n 
A 1 81 THR 81 115 115 THR THR A . n 
A 1 82 MET 82 116 116 MET MET A . n 
A 1 83 GLU 83 117 117 GLU GLU A . n 
A 1 84 LYS 84 118 118 LYS LYS A . n 
A 1 85 ASP 85 119 119 ASP ASP A . n 
B 2 1  LEU 1  1   1   LEU LEU C . n 
B 2 2  LEU 2  2   2   LEU LEU C . n 
B 2 3  LEU 3  3   3   LEU LEU C . n 
# 
loop_
_pdbx_nonpoly_scheme.asym_id 
_pdbx_nonpoly_scheme.entity_id 
_pdbx_nonpoly_scheme.mon_id 
_pdbx_nonpoly_scheme.ndb_seq_num 
_pdbx_nonpoly_scheme.pdb_seq_num 
_pdbx_nonpoly_scheme.auth_seq_num 
_pdbx_nonpoly_scheme.pdb_mon_id 
_pdbx_nonpoly_scheme.auth_mon_id 
_pdbx_nonpoly_scheme.pdb_strand_id 
_pdbx_nonpoly_scheme.pdb_ins_code 
C 3 HOH 1   1   1   HOH HOH A . 
C 3 HOH 2   2   2   HOH HOH A . 
C 3 HOH 3   3   3   HOH HOH A . 
C 3 HOH 4   4   4   HOH HOH A . 
C 3 HOH 5   5   5   HOH HOH A . 
C 3 HOH 6   6   6   HOH HOH A . 
C 3 HOH 7   7   7   HOH HOH A . 
C 3 HOH 8   8   8   HOH HOH A . 
C 3 HOH 9   9   9   HOH HOH A . 
C 3 HOH 10  10  10  HOH HOH A . 
C 3 HOH 11  11  11  HOH HOH A . 
C 3 HOH 12  12  12  HOH HOH A . 
C 3 HOH 13  13  13  HOH HOH A . 
C 3 HOH 14  14  14  HOH HOH A . 
C 3 HOH 15  15  15  HOH HOH A . 
C 3 HOH 16  16  16  HOH HOH A . 
C 3 HOH 17  17  17  HOH HOH A . 
C 3 HOH 18  18  18  HOH HOH A . 
C 3 HOH 19  19  19  HOH HOH A . 
C 3 HOH 20  20  20  HOH HOH A . 
C 3 HOH 21  21  21  HOH HOH A . 
C 3 HOH 22  22  22  HOH HOH A . 
C 3 HOH 23  23  23  HOH HOH A . 
C 3 HOH 24  24  24  HOH HOH A . 
C 3 HOH 25  25  25  HOH HOH A . 
C 3 HOH 26  26  26  HOH HOH A . 
C 3 HOH 27  28  28  HOH HOH A . 
C 3 HOH 28  29  29  HOH HOH A . 
C 3 HOH 29  30  30  HOH HOH A . 
C 3 HOH 30  31  31  HOH HOH A . 
C 3 HOH 31  32  32  HOH HOH A . 
C 3 HOH 32  33  33  HOH HOH A . 
C 3 HOH 33  34  34  HOH HOH A . 
C 3 HOH 34  120 120 HOH HOH A . 
C 3 HOH 35  121 121 HOH HOH A . 
C 3 HOH 36  122 122 HOH HOH A . 
C 3 HOH 37  123 123 HOH HOH A . 
C 3 HOH 38  124 124 HOH HOH A . 
C 3 HOH 39  125 125 HOH HOH A . 
C 3 HOH 40  126 126 HOH HOH A . 
C 3 HOH 41  127 127 HOH HOH A . 
C 3 HOH 42  128 128 HOH HOH A . 
C 3 HOH 43  129 129 HOH HOH A . 
C 3 HOH 44  130 130 HOH HOH A . 
C 3 HOH 45  131 131 HOH HOH A . 
C 3 HOH 46  132 132 HOH HOH A . 
C 3 HOH 47  133 133 HOH HOH A . 
C 3 HOH 48  134 134 HOH HOH A . 
C 3 HOH 49  135 135 HOH HOH A . 
C 3 HOH 50  136 136 HOH HOH A . 
C 3 HOH 51  137 137 HOH HOH A . 
C 3 HOH 52  138 138 HOH HOH A . 
C 3 HOH 53  139 139 HOH HOH A . 
C 3 HOH 54  140 140 HOH HOH A . 
C 3 HOH 55  141 141 HOH HOH A . 
C 3 HOH 56  142 142 HOH HOH A . 
C 3 HOH 57  143 143 HOH HOH A . 
C 3 HOH 58  144 144 HOH HOH A . 
C 3 HOH 59  145 145 HOH HOH A . 
C 3 HOH 60  146 146 HOH HOH A . 
C 3 HOH 61  147 147 HOH HOH A . 
C 3 HOH 62  148 148 HOH HOH A . 
C 3 HOH 63  149 149 HOH HOH A . 
C 3 HOH 64  150 150 HOH HOH A . 
C 3 HOH 65  151 151 HOH HOH A . 
C 3 HOH 66  152 152 HOH HOH A . 
C 3 HOH 67  153 153 HOH HOH A . 
C 3 HOH 68  154 154 HOH HOH A . 
C 3 HOH 69  155 155 HOH HOH A . 
C 3 HOH 70  156 156 HOH HOH A . 
C 3 HOH 71  157 157 HOH HOH A . 
C 3 HOH 72  158 158 HOH HOH A . 
C 3 HOH 73  159 159 HOH HOH A . 
C 3 HOH 74  160 160 HOH HOH A . 
C 3 HOH 75  161 161 HOH HOH A . 
C 3 HOH 76  162 162 HOH HOH A . 
C 3 HOH 77  163 163 HOH HOH A . 
C 3 HOH 78  164 164 HOH HOH A . 
C 3 HOH 79  165 165 HOH HOH A . 
C 3 HOH 80  166 166 HOH HOH A . 
C 3 HOH 81  167 167 HOH HOH A . 
C 3 HOH 82  168 168 HOH HOH A . 
C 3 HOH 83  169 169 HOH HOH A . 
C 3 HOH 84  170 170 HOH HOH A . 
C 3 HOH 85  171 171 HOH HOH A . 
C 3 HOH 86  172 172 HOH HOH A . 
C 3 HOH 87  173 173 HOH HOH A . 
C 3 HOH 88  174 174 HOH HOH A . 
C 3 HOH 89  175 175 HOH HOH A . 
C 3 HOH 90  176 176 HOH HOH A . 
C 3 HOH 91  177 177 HOH HOH A . 
C 3 HOH 92  178 178 HOH HOH A . 
C 3 HOH 93  179 179 HOH HOH A . 
C 3 HOH 94  180 180 HOH HOH A . 
C 3 HOH 95  181 181 HOH HOH A . 
C 3 HOH 96  182 182 HOH HOH A . 
C 3 HOH 97  183 183 HOH HOH A . 
C 3 HOH 98  184 184 HOH HOH A . 
C 3 HOH 99  185 185 HOH HOH A . 
C 3 HOH 100 186 186 HOH HOH A . 
C 3 HOH 101 187 187 HOH HOH A . 
C 3 HOH 102 188 188 HOH HOH A . 
C 3 HOH 103 189 189 HOH HOH A . 
C 3 HOH 104 190 190 HOH HOH A . 
C 3 HOH 105 191 191 HOH HOH A . 
C 3 HOH 106 192 192 HOH HOH A . 
C 3 HOH 107 193 193 HOH HOH A . 
C 3 HOH 108 194 194 HOH HOH A . 
C 3 HOH 109 195 195 HOH HOH A . 
C 3 HOH 110 196 196 HOH HOH A . 
C 3 HOH 111 197 197 HOH HOH A . 
C 3 HOH 112 198 198 HOH HOH A . 
C 3 HOH 113 199 199 HOH HOH A . 
C 3 HOH 114 200 200 HOH HOH A . 
C 3 HOH 115 201 201 HOH HOH A . 
C 3 HOH 116 202 202 HOH HOH A . 
C 3 HOH 117 203 203 HOH HOH A . 
C 3 HOH 118 204 204 HOH HOH A . 
C 3 HOH 119 205 205 HOH HOH A . 
C 3 HOH 120 206 206 HOH HOH A . 
C 3 HOH 121 207 207 HOH HOH A . 
C 3 HOH 122 208 208 HOH HOH A . 
C 3 HOH 123 209 209 HOH HOH A . 
C 3 HOH 124 210 210 HOH HOH A . 
D 3 HOH 1   27  27  HOH HOH C . 
D 3 HOH 2   74  74  HOH HOH C . 
D 3 HOH 3   97  97  HOH HOH C . 
# 
loop_
_software.name 
_software.version 
_software.date 
_software.type 
_software.contact_author 
_software.contact_author_email 
_software.classification 
_software.location 
_software.language 
_software.citation_id 
_software.pdbx_ordinal 
PHASER      .     ?               program 'Randy J. Read' cimr-phaser@lists.cam.ac.uk phasing           
http://www-structmed.cimr.cam.ac.uk/phaser/ ?   ? 1 
PHENIX      .     ?               package 'Paul D. Adams' PDAdams@lbl.gov             refinement        
http://www.phenix-online.org/               C++ ? 2 
PDB_EXTRACT 3.006 'June 11, 2008' package PDB             help@deposit.rcsb.org       'data extraction' 
http://sw-tools.pdb.org/apps/PDB_EXTRACT/   C++ ? 3 
HKL-2000    .     ?               ?       ?               ?                           'data collection' ? ?   ? 4 
HKL-2000    .     ?               ?       ?               ?                           'data reduction'  ? ?   ? 5 
HKL-2000    .     ?               ?       ?               ?                           'data scaling'    ? ?   ? 6 
# 
_cell.entry_id           3G19 
_cell.length_a           28.658 
_cell.length_b           34.419 
_cell.length_c           71.722 
_cell.angle_alpha        90.00 
_cell.angle_beta         90.00 
_cell.angle_gamma        90.00 
_cell.Z_PDB              4 
_cell.pdbx_unique_axis   ? 
_cell.length_a_esd       ? 
_cell.length_b_esd       ? 
_cell.length_c_esd       ? 
_cell.angle_alpha_esd    ? 
_cell.angle_beta_esd     ? 
_cell.angle_gamma_esd    ? 
# 
_symmetry.entry_id                         3G19 
_symmetry.space_group_name_H-M             'P 21 21 21' 
_symmetry.pdbx_full_space_group_name_H-M   ? 
_symmetry.cell_setting                     ? 
_symmetry.Int_Tables_number                19 
_symmetry.space_group_name_Hall            ? 
# 
_exptl.entry_id          3G19 
_exptl.method            'X-RAY DIFFRACTION' 
_exptl.crystals_number   1 
# 
_exptl_crystal.id                    1 
_exptl_crystal.density_Matthews      1.716630 
_exptl_crystal.density_meas          ? 
_exptl_crystal.density_percent_sol   28.348003 
_exptl_crystal.description           ? 
_exptl_crystal.F_000                 ? 
_exptl_crystal.preparation           ? 
# 
_exptl_crystal_grow.crystal_id      1 
_exptl_crystal_grow.method          'VAPOR DIFFUSION' 
_exptl_crystal_grow.pH              5.5 
_exptl_crystal_grow.temp            300 
_exptl_crystal_grow.pdbx_details    '0.1 M bis-tris pH 5.5, 0.2 M MgCl2, 25% PEG 3350, vapor diffusion, temperature 300K' 
_exptl_crystal_grow.temp_details    ? 
_exptl_crystal_grow.pdbx_pH_range   ? 
# 
_diffrn.id                     1 
_diffrn.ambient_temp           100 
_diffrn.ambient_temp_details   ? 
_diffrn.crystal_id             1 
# 
_diffrn_detector.diffrn_id              1 
_diffrn_detector.detector               'IMAGE PLATE' 
_diffrn_detector.type                   'RIGAKU RAXIS IV' 
_diffrn_detector.pdbx_collection_date   2008-08-10 
_diffrn_detector.details                Varimax-HR 
# 
_diffrn_radiation.diffrn_id                        1 
_diffrn_radiation.pdbx_diffrn_protocol             'SINGLE WAVELENGTH' 
_diffrn_radiation.monochromator                    Varimax-HF 
_diffrn_radiation.wavelength_id                    1 
_diffrn_radiation.pdbx_monochromatic_or_laue_m_l   M 
_diffrn_radiation.pdbx_scattering_type             x-ray 
# 
_diffrn_radiation_wavelength.id           1 
_diffrn_radiation_wavelength.wavelength   1.5418 
_diffrn_radiation_wavelength.wt           1.0 
# 
_diffrn_source.diffrn_id                   1 
_diffrn_source.source                      'ROTATING ANODE' 
_diffrn_source.type                        'RIGAKU MICROMAX-007 HF' 
_diffrn_source.pdbx_wavelength_list        1.5418 
_diffrn_source.pdbx_wavelength             ? 
_diffrn_source.pdbx_synchrotron_site       ? 
_diffrn_source.pdbx_synchrotron_beamline   ? 
# 
_reflns.entry_id                     3G19 
_reflns.B_iso_Wilson_estimate        13.780 
_reflns.d_resolution_high            1.850 
_reflns.d_resolution_low             50.000 
_reflns.pdbx_number_measured_all     33923 
_reflns.number_obs                   5661 
_reflns.pdbx_Rmerge_I_obs            0.043 
_reflns.pdbx_netI_over_av_sigmaI     39.645 
_reflns.pdbx_netI_over_sigmaI        16.200 
_reflns.pdbx_chi_squared             1.062 
_reflns.pdbx_redundancy              6.000 
_reflns.percent_possible_obs         87.100 
_reflns.pdbx_Rrim_I_all              0.043 
_reflns.number_all                   ? 
_reflns.observed_criterion_sigma_F   ? 
_reflns.observed_criterion_sigma_I   ? 
_reflns.pdbx_Rsym_value              ? 
_reflns.R_free_details               ? 
_reflns.limit_h_max                  ? 
_reflns.limit_h_min                  ? 
_reflns.limit_k_max                  ? 
_reflns.limit_k_min                  ? 
_reflns.limit_l_max                  ? 
_reflns.limit_l_min                  ? 
_reflns.observed_criterion_F_max     ? 
_reflns.observed_criterion_F_min     ? 
_reflns.pdbx_scaling_rejects         ? 
_reflns.pdbx_diffrn_id               1 
_reflns.pdbx_ordinal                 1 
# 
loop_
_reflns_shell.d_res_high 
_reflns_shell.d_res_low 
_reflns_shell.number_measured_obs 
_reflns_shell.number_measured_all 
_reflns_shell.number_unique_obs 
_reflns_shell.pdbx_rejects 
_reflns_shell.Rmerge_I_obs 
_reflns_shell.meanI_over_sigI_obs 
_reflns_shell.pdbx_Rsym_value 
_reflns_shell.pdbx_chi_squared 
_reflns_shell.pdbx_redundancy 
_reflns_shell.percent_possible_obs 
_reflns_shell.number_possible 
_reflns_shell.number_unique_all 
_reflns_shell.Rmerge_F_all 
_reflns_shell.Rmerge_F_obs 
_reflns_shell.Rmerge_I_all 
_reflns_shell.meanI_over_sigI_all 
_reflns_shell.percent_possible_all 
_reflns_shell.pdbx_Rrim_I_all 
_reflns_shell.pdbx_Rpim_I_all 
_reflns_shell.pdbx_diffrn_id 
_reflns_shell.pdbx_ordinal 
1.85 1.92  ? ? ? ? 0.116 ? ? 0.865 3.10 ? ? 325 ? ? ? ? 51.40 ? ? ? 1  
1.92 1.99  ? ? ? ? 0.114 ? ? 1.064 4.50 ? ? 461 ? ? ? ? 74.70 ? ? ? 2  
1.99 2.08  ? ? ? ? 0.096 ? ? 1.237 5.10 ? ? 511 ? ? ? ? 81.20 ? ? ? 3  
2.08 2.19  ? ? ? ? 0.087 ? ? 1.220 6.20 ? ? 613 ? ? ? ? 95.60 ? ? ? 4  
2.19 2.33  ? ? ? ? 0.073 ? ? 1.044 5.90 ? ? 483 ? ? ? ? 75.50 ? ? ? 5  
2.33 2.51  ? ? ? ? 0.053 ? ? 0.908 6.80 ? ? 632 ? ? ? ? 99.10 ? ? ? 6  
2.51 2.76  ? ? ? ? 0.046 ? ? 0.896 6.80 ? ? 641 ? ? ? ? 99.20 ? ? ? 7  
2.76 3.16  ? ? ? ? 0.040 ? ? 1.017 6.70 ? ? 660 ? ? ? ? 99.50 ? ? ? 8  
3.16 3.99  ? ? ? ? 0.034 ? ? 1.193 6.50 ? ? 614 ? ? ? ? 92.50 ? ? ? 9  
3.99 50.00 ? ? ? ? 0.028 ? ? 1.119 6.20 ? ? 721 ? ? ? ? 99.30 ? ? ? 10 
# 
_refine.entry_id                                 3G19 
_refine.ls_d_res_high                            1.849 
_refine.ls_d_res_low                             22.388 
_refine.pdbx_ls_sigma_F                          1.34 
_refine.ls_percent_reflns_obs                    87.040 
_refine.ls_number_reflns_obs                     5629 
_refine.ls_R_factor_obs                          0.188 
_refine.ls_R_factor_R_work                       0.185 
_refine.ls_R_factor_R_free                       0.212 
_refine.ls_percent_reflns_R_free                 10.000 
_refine.ls_number_reflns_R_free                  563 
_refine.B_iso_mean                               13.429 
_refine.solvent_model_param_bsol                 44.543 
_refine.solvent_model_param_ksol                 0.380 
_refine.aniso_B[1][1]                            -0.439 
_refine.aniso_B[2][2]                            -1.034 
_refine.aniso_B[3][3]                            0.590 
_refine.aniso_B[1][2]                            -0.000 
_refine.aniso_B[1][3]                            0.000 
_refine.aniso_B[2][3]                            0.000 
_refine.overall_SU_ML                            0.220 
_refine.solvent_model_details                    'FLAT BULK SOLVENT MODEL' 
_refine.pdbx_solvent_vdw_probe_radii             1.110 
_refine.pdbx_solvent_shrinkage_radii             0.900 
_refine.pdbx_method_to_determine_struct          'MOLECULAR REPLACEMENT' 
_refine.pdbx_stereochemistry_target_values       ML 
_refine.overall_FOM_work_R_set                   0.849 
_refine.B_iso_max                                40.72 
_refine.B_iso_min                                0.00 
_refine.occupancy_max                            1.00 
_refine.occupancy_min                            0.52 
_refine.pdbx_ls_sigma_I                          ? 
_refine.ls_number_reflns_all                     ? 
_refine.ls_R_factor_all                          ? 
_refine.ls_redundancy_reflns_obs                 ? 
_refine.pdbx_data_cutoff_high_absF               ? 
_refine.pdbx_data_cutoff_low_absF                ? 
_refine.ls_number_parameters                     ? 
_refine.ls_number_restraints                     ? 
_refine.ls_R_factor_R_free_error                 ? 
_refine.ls_R_factor_R_free_error_details         ? 
_refine.pdbx_starting_model                      ? 
_refine.pdbx_ls_cross_valid_method               ? 
_refine.pdbx_R_Free_selection_details            ? 
_refine.pdbx_stereochem_target_val_spec_case     ? 
_refine.pdbx_isotropic_thermal_model             ? 
_refine.details                                  ? 
_refine.correlation_coeff_Fo_to_Fc               ? 
_refine.correlation_coeff_Fo_to_Fc_free          ? 
_refine.pdbx_solvent_ion_probe_radii             ? 
_refine.overall_SU_R_Cruickshank_DPI             ? 
_refine.overall_SU_R_free                        ? 
_refine.overall_SU_B                             ? 
_refine.pdbx_overall_ESU_R_Free                  ? 
_refine.pdbx_data_cutoff_high_rms_absF           ? 
_refine.pdbx_overall_ESU_R                       ? 
_refine.ls_wR_factor_R_free                      ? 
_refine.ls_wR_factor_R_work                      ? 
_refine.overall_FOM_free_R_set                   ? 
_refine.pdbx_overall_phase_error                 ? 
_refine.pdbx_refine_id                           'X-RAY DIFFRACTION' 
_refine.pdbx_diffrn_id                           1 
_refine.pdbx_TLS_residual_ADP_flag               ? 
_refine.pdbx_overall_SU_R_free_Cruickshank_DPI   ? 
_refine.pdbx_overall_SU_R_Blow_DPI               ? 
_refine.pdbx_overall_SU_R_free_Blow_DPI          ? 
# 
_refine_hist.pdbx_refine_id                   'X-RAY DIFFRACTION' 
_refine_hist.cycle_id                         LAST 
_refine_hist.pdbx_number_atoms_protein        715 
_refine_hist.pdbx_number_atoms_nucleic_acid   0 
_refine_hist.pdbx_number_atoms_ligand         0 
_refine_hist.number_atoms_solvent             127 
_refine_hist.number_atoms_total               842 
_refine_hist.d_res_high                       1.849 
_refine_hist.d_res_low                        22.388 
# 
loop_
_refine_ls_restr.type 
_refine_ls_restr.number 
_refine_ls_restr.dev_ideal 
_refine_ls_restr.dev_ideal_target 
_refine_ls_restr.weight 
_refine_ls_restr.pdbx_refine_id 
_refine_ls_restr.pdbx_restraint_function 
f_bond_d           728 0.002  ? ? 'X-RAY DIFFRACTION' ? 
f_angle_d          985 0.590  ? ? 'X-RAY DIFFRACTION' ? 
f_chiral_restr     112 0.042  ? ? 'X-RAY DIFFRACTION' ? 
f_plane_restr      127 0.003  ? ? 'X-RAY DIFFRACTION' ? 
f_dihedral_angle_d 269 17.661 ? ? 'X-RAY DIFFRACTION' ? 
# 
loop_
_refine_ls_shell.d_res_high 
_refine_ls_shell.d_res_low 
_refine_ls_shell.pdbx_total_number_of_bins_used 
_refine_ls_shell.percent_reflns_obs 
_refine_ls_shell.number_reflns_R_work 
_refine_ls_shell.R_factor_all 
_refine_ls_shell.R_factor_R_work 
_refine_ls_shell.R_factor_R_free 
_refine_ls_shell.percent_reflns_R_free 
_refine_ls_shell.number_reflns_R_free 
_refine_ls_shell.R_factor_R_free_error 
_refine_ls_shell.number_reflns_all 
_refine_ls_shell.number_reflns_obs 
_refine_ls_shell.redundancy_reflns_obs 
_refine_ls_shell.pdbx_refine_id 
1.849 2.035  4 68.000 965  . 0.190 0.223 . 106 . 1071 . . 'X-RAY DIFFRACTION' 
2.035 2.329  4 83.000 1181 . 0.195 0.224 . 131 . 1312 . . 'X-RAY DIFFRACTION' 
2.329 2.934  4 99.000 1435 . 0.186 0.233 . 160 . 1595 . . 'X-RAY DIFFRACTION' 
2.934 22.389 4 97.000 1485 . 0.175 0.191 . 166 . 1651 . . 'X-RAY DIFFRACTION' 
# 
_struct.entry_id                  3G19 
_struct.title                     
'The structure of the Caulobacter crescentus clpS protease adaptor protein in complex with LLL tripeptide' 
_struct.pdbx_model_details        ? 
_struct.pdbx_CASP_flag            ? 
_struct.pdbx_model_type_details   ? 
# 
_struct_keywords.entry_id        3G19 
_struct_keywords.text            'adaptor, protein-peptide complex, peptide-binding protein, PEPTIDE BINDING PROTEIN' 
_struct_keywords.pdbx_keywords   'PEPTIDE BINDING PROTEIN' 
# 
loop_
_struct_asym.id 
_struct_asym.pdbx_blank_PDB_chainid_flag 
_struct_asym.pdbx_modified 
_struct_asym.entity_id 
_struct_asym.details 
A N N 1 ? 
B N N 2 ? 
C N N 3 ? 
D N N 3 ? 
# 
loop_
_struct_ref.id 
_struct_ref.db_name 
_struct_ref.db_code 
_struct_ref.pdbx_db_accession 
_struct_ref.entity_id 
_struct_ref.pdbx_seq_one_letter_code 
_struct_ref.pdbx_align_begin 
_struct_ref.pdbx_db_isoform 
1 UNP CLPS_CAUCR Q9A5I0 1 
;TQKPSLYRVLILNDDYTPMEFVVYVLERFFNKSREDATRIMLHVHQNGVGVCGVYTYEVAETKVAQVIDSARRHQHPLQC
TMEKD
;
35 ? 
2 PDB 3G19       3G19   2 LLL                                                                                      1  ? 
# 
loop_
_struct_ref_seq.align_id 
_struct_ref_seq.ref_id 
_struct_ref_seq.pdbx_PDB_id_code 
_struct_ref_seq.pdbx_strand_id 
_struct_ref_seq.seq_align_beg 
_struct_ref_seq.pdbx_seq_align_beg_ins_code 
_struct_ref_seq.seq_align_end 
_struct_ref_seq.pdbx_seq_align_end_ins_code 
_struct_ref_seq.pdbx_db_accession 
_struct_ref_seq.db_align_beg 
_struct_ref_seq.pdbx_db_align_beg_ins_code 
_struct_ref_seq.db_align_end 
_struct_ref_seq.pdbx_db_align_end_ins_code 
_struct_ref_seq.pdbx_auth_seq_align_beg 
_struct_ref_seq.pdbx_auth_seq_align_end 
1 1 3G19 A 1 ? 85 ? Q9A5I0 35 ? 119 ? 35 119 
2 2 3G19 C 1 ? 3  ? 3G19   1  ? 3   ? 1  3   
# 
_pdbx_struct_assembly.id                   1 
_pdbx_struct_assembly.details              author_and_software_defined_assembly 
_pdbx_struct_assembly.method_details       PISA 
_pdbx_struct_assembly.oligomeric_details   dimeric 
_pdbx_struct_assembly.oligomeric_count     2 
# 
loop_
_pdbx_struct_assembly_prop.biol_id 
_pdbx_struct_assembly_prop.type 
_pdbx_struct_assembly_prop.value 
_pdbx_struct_assembly_prop.details 
1 'ABSA (A^2)' 600  ? 
1 MORE         -5   ? 
1 'SSA (A^2)'  5450 ? 
# 
_pdbx_struct_assembly_gen.assembly_id       1 
_pdbx_struct_assembly_gen.oper_expression   1 
_pdbx_struct_assembly_gen.asym_id_list      A,B,C,D 
# 
_pdbx_struct_oper_list.id                   1 
_pdbx_struct_oper_list.type                 'identity operation' 
_pdbx_struct_oper_list.name                 1_555 
_pdbx_struct_oper_list.symmetry_operation   x,y,z 
_pdbx_struct_oper_list.matrix[1][1]         1.0000000000 
_pdbx_struct_oper_list.matrix[1][2]         0.0000000000 
_pdbx_struct_oper_list.matrix[1][3]         0.0000000000 
_pdbx_struct_oper_list.vector[1]            0.0000000000 
_pdbx_struct_oper_list.matrix[2][1]         0.0000000000 
_pdbx_struct_oper_list.matrix[2][2]         1.0000000000 
_pdbx_struct_oper_list.matrix[2][3]         0.0000000000 
_pdbx_struct_oper_list.vector[2]            0.0000000000 
_pdbx_struct_oper_list.matrix[3][1]         0.0000000000 
_pdbx_struct_oper_list.matrix[3][2]         0.0000000000 
_pdbx_struct_oper_list.matrix[3][3]         1.0000000000 
_pdbx_struct_oper_list.vector[3]            0.0000000000 
# 
_struct_biol.id        1 
_struct_biol.details   ? 
# 
loop_
_struct_conf.conf_type_id 
_struct_conf.id 
_struct_conf.pdbx_PDB_helix_id 
_struct_conf.beg_label_comp_id 
_struct_conf.beg_label_asym_id 
_struct_conf.beg_label_seq_id 
_struct_conf.pdbx_beg_PDB_ins_code 
_struct_conf.end_label_comp_id 
_struct_conf.end_label_asym_id 
_struct_conf.end_label_seq_id 
_struct_conf.pdbx_end_PDB_ins_code 
_struct_conf.beg_auth_comp_id 
_struct_conf.beg_auth_asym_id 
_struct_conf.beg_auth_seq_id 
_struct_conf.end_auth_comp_id 
_struct_conf.end_auth_asym_id 
_struct_conf.end_auth_seq_id 
_struct_conf.pdbx_PDB_helix_class 
_struct_conf.details 
_struct_conf.pdbx_PDB_helix_length 
HELX_P HELX_P1 1 PRO A 18 ? PHE A 30 ? PRO A 52 PHE A 64  1 ? 13 
HELX_P HELX_P2 2 SER A 33 ? GLY A 48 ? SER A 67 GLY A 82  1 ? 16 
HELX_P HELX_P3 3 THR A 56 ? HIS A 74 ? THR A 90 HIS A 108 1 ? 19 
# 
_struct_conf_type.id          HELX_P 
_struct_conf_type.criteria    ? 
_struct_conf_type.reference   ? 
# 
_struct_sheet.id               A 
_struct_sheet.type             ? 
_struct_sheet.number_strands   2 
_struct_sheet.details          ? 
# 
_struct_sheet_order.sheet_id     A 
_struct_sheet_order.range_id_1   1 
_struct_sheet_order.range_id_2   2 
_struct_sheet_order.offset       ? 
_struct_sheet_order.sense        anti-parallel 
# 
loop_
_struct_sheet_range.sheet_id 
_struct_sheet_range.id 
_struct_sheet_range.beg_label_comp_id 
_struct_sheet_range.beg_label_asym_id 
_struct_sheet_range.beg_label_seq_id 
_struct_sheet_range.pdbx_beg_PDB_ins_code 
_struct_sheet_range.end_label_comp_id 
_struct_sheet_range.end_label_asym_id 
_struct_sheet_range.end_label_seq_id 
_struct_sheet_range.pdbx_end_PDB_ins_code 
_struct_sheet_range.beg_auth_comp_id 
_struct_sheet_range.beg_auth_asym_id 
_struct_sheet_range.beg_auth_seq_id 
_struct_sheet_range.end_auth_comp_id 
_struct_sheet_range.end_auth_asym_id 
_struct_sheet_range.end_auth_seq_id 
A 1 VAL A 49 ? TYR A 55 ? VAL A 83 TYR A 89 
A 2 TYR A 7  ? LEU A 12 ? TYR A 41 LEU A 46 
# 
_pdbx_struct_sheet_hbond.sheet_id                A 
_pdbx_struct_sheet_hbond.range_id_1              1 
_pdbx_struct_sheet_hbond.range_id_2              2 
_pdbx_struct_sheet_hbond.range_1_label_atom_id   O 
_pdbx_struct_sheet_hbond.range_1_label_comp_id   TYR 
_pdbx_struct_sheet_hbond.range_1_label_asym_id   A 
_pdbx_struct_sheet_hbond.range_1_label_seq_id    55 
_pdbx_struct_sheet_hbond.range_1_PDB_ins_code    ? 
_pdbx_struct_sheet_hbond.range_1_auth_atom_id    O 
_pdbx_struct_sheet_hbond.range_1_auth_comp_id    TYR 
_pdbx_struct_sheet_hbond.range_1_auth_asym_id    A 
_pdbx_struct_sheet_hbond.range_1_auth_seq_id     89 
_pdbx_struct_sheet_hbond.range_2_label_atom_id   N 
_pdbx_struct_sheet_hbond.range_2_label_comp_id   TYR 
_pdbx_struct_sheet_hbond.range_2_label_asym_id   A 
_pdbx_struct_sheet_hbond.range_2_label_seq_id    7 
_pdbx_struct_sheet_hbond.range_2_PDB_ins_code    ? 
_pdbx_struct_sheet_hbond.range_2_auth_atom_id    N 
_pdbx_struct_sheet_hbond.range_2_auth_comp_id    TYR 
_pdbx_struct_sheet_hbond.range_2_auth_asym_id    A 
_pdbx_struct_sheet_hbond.range_2_auth_seq_id     41 
# 
loop_
_pdbx_validate_torsion.id 
_pdbx_validate_torsion.PDB_model_num 
_pdbx_validate_torsion.auth_comp_id 
_pdbx_validate_torsion.auth_asym_id 
_pdbx_validate_torsion.auth_seq_id 
_pdbx_validate_torsion.PDB_ins_code 
_pdbx_validate_torsion.label_alt_id 
_pdbx_validate_torsion.phi 
_pdbx_validate_torsion.psi 
1 1 LYS A 37 ? ? -159.96 79.33  
2 1 ARG A 62 ? ? -90.69  -65.05 
# 
_phasing.method   MR 
# 
_pdbx_unobs_or_zero_occ_residues.id               1 
_pdbx_unobs_or_zero_occ_residues.PDB_model_num    1 
_pdbx_unobs_or_zero_occ_residues.polymer_flag     Y 
_pdbx_unobs_or_zero_occ_residues.occupancy_flag   1 
_pdbx_unobs_or_zero_occ_residues.auth_asym_id     A 
_pdbx_unobs_or_zero_occ_residues.auth_comp_id     THR 
_pdbx_unobs_or_zero_occ_residues.auth_seq_id      35 
_pdbx_unobs_or_zero_occ_residues.PDB_ins_code     ? 
_pdbx_unobs_or_zero_occ_residues.label_asym_id    A 
_pdbx_unobs_or_zero_occ_residues.label_comp_id    THR 
_pdbx_unobs_or_zero_occ_residues.label_seq_id     1 
# 
loop_
_chem_comp_atom.comp_id 
_chem_comp_atom.atom_id 
_chem_comp_atom.type_symbol 
_chem_comp_atom.pdbx_aromatic_flag 
_chem_comp_atom.pdbx_stereo_config 
_chem_comp_atom.pdbx_ordinal 
ALA N    N N N 1   
ALA CA   C N S 2   
ALA C    C N N 3   
ALA O    O N N 4   
ALA CB   C N N 5   
ALA OXT  O N N 6   
ALA H    H N N 7   
ALA H2   H N N 8   
ALA HA   H N N 9   
ALA HB1  H N N 10  
ALA HB2  H N N 11  
ALA HB3  H N N 12  
ALA HXT  H N N 13  
ARG N    N N N 14  
ARG CA   C N S 15  
ARG C    C N N 16  
ARG O    O N N 17  
ARG CB   C N N 18  
ARG CG   C N N 19  
ARG CD   C N N 20  
ARG NE   N N N 21  
ARG CZ   C N N 22  
ARG NH1  N N N 23  
ARG NH2  N N N 24  
ARG OXT  O N N 25  
ARG H    H N N 26  
ARG H2   H N N 27  
ARG HA   H N N 28  
ARG HB2  H N N 29  
ARG HB3  H N N 30  
ARG HG2  H N N 31  
ARG HG3  H N N 32  
ARG HD2  H N N 33  
ARG HD3  H N N 34  
ARG HE   H N N 35  
ARG HH11 H N N 36  
ARG HH12 H N N 37  
ARG HH21 H N N 38  
ARG HH22 H N N 39  
ARG HXT  H N N 40  
ASN N    N N N 41  
ASN CA   C N S 42  
ASN C    C N N 43  
ASN O    O N N 44  
ASN CB   C N N 45  
ASN CG   C N N 46  
ASN OD1  O N N 47  
ASN ND2  N N N 48  
ASN OXT  O N N 49  
ASN H    H N N 50  
ASN H2   H N N 51  
ASN HA   H N N 52  
ASN HB2  H N N 53  
ASN HB3  H N N 54  
ASN HD21 H N N 55  
ASN HD22 H N N 56  
ASN HXT  H N N 57  
ASP N    N N N 58  
ASP CA   C N S 59  
ASP C    C N N 60  
ASP O    O N N 61  
ASP CB   C N N 62  
ASP CG   C N N 63  
ASP OD1  O N N 64  
ASP OD2  O N N 65  
ASP OXT  O N N 66  
ASP H    H N N 67  
ASP H2   H N N 68  
ASP HA   H N N 69  
ASP HB2  H N N 70  
ASP HB3  H N N 71  
ASP HD2  H N N 72  
ASP HXT  H N N 73  
CYS N    N N N 74  
CYS CA   C N R 75  
CYS C    C N N 76  
CYS O    O N N 77  
CYS CB   C N N 78  
CYS SG   S N N 79  
CYS OXT  O N N 80  
CYS H    H N N 81  
CYS H2   H N N 82  
CYS HA   H N N 83  
CYS HB2  H N N 84  
CYS HB3  H N N 85  
CYS HG   H N N 86  
CYS HXT  H N N 87  
GLN N    N N N 88  
GLN CA   C N S 89  
GLN C    C N N 90  
GLN O    O N N 91  
GLN CB   C N N 92  
GLN CG   C N N 93  
GLN CD   C N N 94  
GLN OE1  O N N 95  
GLN NE2  N N N 96  
GLN OXT  O N N 97  
GLN H    H N N 98  
GLN H2   H N N 99  
GLN HA   H N N 100 
GLN HB2  H N N 101 
GLN HB3  H N N 102 
GLN HG2  H N N 103 
GLN HG3  H N N 104 
GLN HE21 H N N 105 
GLN HE22 H N N 106 
GLN HXT  H N N 107 
GLU N    N N N 108 
GLU CA   C N S 109 
GLU C    C N N 110 
GLU O    O N N 111 
GLU CB   C N N 112 
GLU CG   C N N 113 
GLU CD   C N N 114 
GLU OE1  O N N 115 
GLU OE2  O N N 116 
GLU OXT  O N N 117 
GLU H    H N N 118 
GLU H2   H N N 119 
GLU HA   H N N 120 
GLU HB2  H N N 121 
GLU HB3  H N N 122 
GLU HG2  H N N 123 
GLU HG3  H N N 124 
GLU HE2  H N N 125 
GLU HXT  H N N 126 
GLY N    N N N 127 
GLY CA   C N N 128 
GLY C    C N N 129 
GLY O    O N N 130 
GLY OXT  O N N 131 
GLY H    H N N 132 
GLY H2   H N N 133 
GLY HA2  H N N 134 
GLY HA3  H N N 135 
GLY HXT  H N N 136 
HIS N    N N N 137 
HIS CA   C N S 138 
HIS C    C N N 139 
HIS O    O N N 140 
HIS CB   C N N 141 
HIS CG   C Y N 142 
HIS ND1  N Y N 143 
HIS CD2  C Y N 144 
HIS CE1  C Y N 145 
HIS NE2  N Y N 146 
HIS OXT  O N N 147 
HIS H    H N N 148 
HIS H2   H N N 149 
HIS HA   H N N 150 
HIS HB2  H N N 151 
HIS HB3  H N N 152 
HIS HD1  H N N 153 
HIS HD2  H N N 154 
HIS HE1  H N N 155 
HIS HE2  H N N 156 
HIS HXT  H N N 157 
HOH O    O N N 158 
HOH H1   H N N 159 
HOH H2   H N N 160 
ILE N    N N N 161 
ILE CA   C N S 162 
ILE C    C N N 163 
ILE O    O N N 164 
ILE CB   C N S 165 
ILE CG1  C N N 166 
ILE CG2  C N N 167 
ILE CD1  C N N 168 
ILE OXT  O N N 169 
ILE H    H N N 170 
ILE H2   H N N 171 
ILE HA   H N N 172 
ILE HB   H N N 173 
ILE HG12 H N N 174 
ILE HG13 H N N 175 
ILE HG21 H N N 176 
ILE HG22 H N N 177 
ILE HG23 H N N 178 
ILE HD11 H N N 179 
ILE HD12 H N N 180 
ILE HD13 H N N 181 
ILE HXT  H N N 182 
LEU N    N N N 183 
LEU CA   C N S 184 
LEU C    C N N 185 
LEU O    O N N 186 
LEU CB   C N N 187 
LEU CG   C N N 188 
LEU CD1  C N N 189 
LEU CD2  C N N 190 
LEU OXT  O N N 191 
LEU H    H N N 192 
LEU H2   H N N 193 
LEU HA   H N N 194 
LEU HB2  H N N 195 
LEU HB3  H N N 196 
LEU HG   H N N 197 
LEU HD11 H N N 198 
LEU HD12 H N N 199 
LEU HD13 H N N 200 
LEU HD21 H N N 201 
LEU HD22 H N N 202 
LEU HD23 H N N 203 
LEU HXT  H N N 204 
LYS N    N N N 205 
LYS CA   C N S 206 
LYS C    C N N 207 
LYS O    O N N 208 
LYS CB   C N N 209 
LYS CG   C N N 210 
LYS CD   C N N 211 
LYS CE   C N N 212 
LYS NZ   N N N 213 
LYS OXT  O N N 214 
LYS H    H N N 215 
LYS H2   H N N 216 
LYS HA   H N N 217 
LYS HB2  H N N 218 
LYS HB3  H N N 219 
LYS HG2  H N N 220 
LYS HG3  H N N 221 
LYS HD2  H N N 222 
LYS HD3  H N N 223 
LYS HE2  H N N 224 
LYS HE3  H N N 225 
LYS HZ1  H N N 226 
LYS HZ2  H N N 227 
LYS HZ3  H N N 228 
LYS HXT  H N N 229 
MET N    N N N 230 
MET CA   C N S 231 
MET C    C N N 232 
MET O    O N N 233 
MET CB   C N N 234 
MET CG   C N N 235 
MET SD   S N N 236 
MET CE   C N N 237 
MET OXT  O N N 238 
MET H    H N N 239 
MET H2   H N N 240 
MET HA   H N N 241 
MET HB2  H N N 242 
MET HB3  H N N 243 
MET HG2  H N N 244 
MET HG3  H N N 245 
MET HE1  H N N 246 
MET HE2  H N N 247 
MET HE3  H N N 248 
MET HXT  H N N 249 
PHE N    N N N 250 
PHE CA   C N S 251 
PHE C    C N N 252 
PHE O    O N N 253 
PHE CB   C N N 254 
PHE CG   C Y N 255 
PHE CD1  C Y N 256 
PHE CD2  C Y N 257 
PHE CE1  C Y N 258 
PHE CE2  C Y N 259 
PHE CZ   C Y N 260 
PHE OXT  O N N 261 
PHE H    H N N 262 
PHE H2   H N N 263 
PHE HA   H N N 264 
PHE HB2  H N N 265 
PHE HB3  H N N 266 
PHE HD1  H N N 267 
PHE HD2  H N N 268 
PHE HE1  H N N 269 
PHE HE2  H N N 270 
PHE HZ   H N N 271 
PHE HXT  H N N 272 
PRO N    N N N 273 
PRO CA   C N S 274 
PRO C    C N N 275 
PRO O    O N N 276 
PRO CB   C N N 277 
PRO CG   C N N 278 
PRO CD   C N N 279 
PRO OXT  O N N 280 
PRO H    H N N 281 
PRO HA   H N N 282 
PRO HB2  H N N 283 
PRO HB3  H N N 284 
PRO HG2  H N N 285 
PRO HG3  H N N 286 
PRO HD2  H N N 287 
PRO HD3  H N N 288 
PRO HXT  H N N 289 
SER N    N N N 290 
SER CA   C N S 291 
SER C    C N N 292 
SER O    O N N 293 
SER CB   C N N 294 
SER OG   O N N 295 
SER OXT  O N N 296 
SER H    H N N 297 
SER H2   H N N 298 
SER HA   H N N 299 
SER HB2  H N N 300 
SER HB3  H N N 301 
SER HG   H N N 302 
SER HXT  H N N 303 
THR N    N N N 304 
THR CA   C N S 305 
THR C    C N N 306 
THR O    O N N 307 
THR CB   C N R 308 
THR OG1  O N N 309 
THR CG2  C N N 310 
THR OXT  O N N 311 
THR H    H N N 312 
THR H2   H N N 313 
THR HA   H N N 314 
THR HB   H N N 315 
THR HG1  H N N 316 
THR HG21 H N N 317 
THR HG22 H N N 318 
THR HG23 H N N 319 
THR HXT  H N N 320 
TYR N    N N N 321 
TYR CA   C N S 322 
TYR C    C N N 323 
TYR O    O N N 324 
TYR CB   C N N 325 
TYR CG   C Y N 326 
TYR CD1  C Y N 327 
TYR CD2  C Y N 328 
TYR CE1  C Y N 329 
TYR CE2  C Y N 330 
TYR CZ   C Y N 331 
TYR OH   O N N 332 
TYR OXT  O N N 333 
TYR H    H N N 334 
TYR H2   H N N 335 
TYR HA   H N N 336 
TYR HB2  H N N 337 
TYR HB3  H N N 338 
TYR HD1  H N N 339 
TYR HD2  H N N 340 
TYR HE1  H N N 341 
TYR HE2  H N N 342 
TYR HH   H N N 343 
TYR HXT  H N N 344 
VAL N    N N N 345 
VAL CA   C N S 346 
VAL C    C N N 347 
VAL O    O N N 348 
VAL CB   C N N 349 
VAL CG1  C N N 350 
VAL CG2  C N N 351 
VAL OXT  O N N 352 
VAL H    H N N 353 
VAL H2   H N N 354 
VAL HA   H N N 355 
VAL HB   H N N 356 
VAL HG11 H N N 357 
VAL HG12 H N N 358 
VAL HG13 H N N 359 
VAL HG21 H N N 360 
VAL HG22 H N N 361 
VAL HG23 H N N 362 
VAL HXT  H N N 363 
# 
loop_
_chem_comp_bond.comp_id 
_chem_comp_bond.atom_id_1 
_chem_comp_bond.atom_id_2 
_chem_comp_bond.value_order 
_chem_comp_bond.pdbx_aromatic_flag 
_chem_comp_bond.pdbx_stereo_config 
_chem_comp_bond.pdbx_ordinal 
ALA N   CA   sing N N 1   
ALA N   H    sing N N 2   
ALA N   H2   sing N N 3   
ALA CA  C    sing N N 4   
ALA CA  CB   sing N N 5   
ALA CA  HA   sing N N 6   
ALA C   O    doub N N 7   
ALA C   OXT  sing N N 8   
ALA CB  HB1  sing N N 9   
ALA CB  HB2  sing N N 10  
ALA CB  HB3  sing N N 11  
ALA OXT HXT  sing N N 12  
ARG N   CA   sing N N 13  
ARG N   H    sing N N 14  
ARG N   H2   sing N N 15  
ARG CA  C    sing N N 16  
ARG CA  CB   sing N N 17  
ARG CA  HA   sing N N 18  
ARG C   O    doub N N 19  
ARG C   OXT  sing N N 20  
ARG CB  CG   sing N N 21  
ARG CB  HB2  sing N N 22  
ARG CB  HB3  sing N N 23  
ARG CG  CD   sing N N 24  
ARG CG  HG2  sing N N 25  
ARG CG  HG3  sing N N 26  
ARG CD  NE   sing N N 27  
ARG CD  HD2  sing N N 28  
ARG CD  HD3  sing N N 29  
ARG NE  CZ   sing N N 30  
ARG NE  HE   sing N N 31  
ARG CZ  NH1  sing N N 32  
ARG CZ  NH2  doub N N 33  
ARG NH1 HH11 sing N N 34  
ARG NH1 HH12 sing N N 35  
ARG NH2 HH21 sing N N 36  
ARG NH2 HH22 sing N N 37  
ARG OXT HXT  sing N N 38  
ASN N   CA   sing N N 39  
ASN N   H    sing N N 40  
ASN N   H2   sing N N 41  
ASN CA  C    sing N N 42  
ASN CA  CB   sing N N 43  
ASN CA  HA   sing N N 44  
ASN C   O    doub N N 45  
ASN C   OXT  sing N N 46  
ASN CB  CG   sing N N 47  
ASN CB  HB2  sing N N 48  
ASN CB  HB3  sing N N 49  
ASN CG  OD1  doub N N 50  
ASN CG  ND2  sing N N 51  
ASN ND2 HD21 sing N N 52  
ASN ND2 HD22 sing N N 53  
ASN OXT HXT  sing N N 54  
ASP N   CA   sing N N 55  
ASP N   H    sing N N 56  
ASP N   H2   sing N N 57  
ASP CA  C    sing N N 58  
ASP CA  CB   sing N N 59  
ASP CA  HA   sing N N 60  
ASP C   O    doub N N 61  
ASP C   OXT  sing N N 62  
ASP CB  CG   sing N N 63  
ASP CB  HB2  sing N N 64  
ASP CB  HB3  sing N N 65  
ASP CG  OD1  doub N N 66  
ASP CG  OD2  sing N N 67  
ASP OD2 HD2  sing N N 68  
ASP OXT HXT  sing N N 69  
CYS N   CA   sing N N 70  
CYS N   H    sing N N 71  
CYS N   H2   sing N N 72  
CYS CA  C    sing N N 73  
CYS CA  CB   sing N N 74  
CYS CA  HA   sing N N 75  
CYS C   O    doub N N 76  
CYS C   OXT  sing N N 77  
CYS CB  SG   sing N N 78  
CYS CB  HB2  sing N N 79  
CYS CB  HB3  sing N N 80  
CYS SG  HG   sing N N 81  
CYS OXT HXT  sing N N 82  
GLN N   CA   sing N N 83  
GLN N   H    sing N N 84  
GLN N   H2   sing N N 85  
GLN CA  C    sing N N 86  
GLN CA  CB   sing N N 87  
GLN CA  HA   sing N N 88  
GLN C   O    doub N N 89  
GLN C   OXT  sing N N 90  
GLN CB  CG   sing N N 91  
GLN CB  HB2  sing N N 92  
GLN CB  HB3  sing N N 93  
GLN CG  CD   sing N N 94  
GLN CG  HG2  sing N N 95  
GLN CG  HG3  sing N N 96  
GLN CD  OE1  doub N N 97  
GLN CD  NE2  sing N N 98  
GLN NE2 HE21 sing N N 99  
GLN NE2 HE22 sing N N 100 
GLN OXT HXT  sing N N 101 
GLU N   CA   sing N N 102 
GLU N   H    sing N N 103 
GLU N   H2   sing N N 104 
GLU CA  C    sing N N 105 
GLU CA  CB   sing N N 106 
GLU CA  HA   sing N N 107 
GLU C   O    doub N N 108 
GLU C   OXT  sing N N 109 
GLU CB  CG   sing N N 110 
GLU CB  HB2  sing N N 111 
GLU CB  HB3  sing N N 112 
GLU CG  CD   sing N N 113 
GLU CG  HG2  sing N N 114 
GLU CG  HG3  sing N N 115 
GLU CD  OE1  doub N N 116 
GLU CD  OE2  sing N N 117 
GLU OE2 HE2  sing N N 118 
GLU OXT HXT  sing N N 119 
GLY N   CA   sing N N 120 
GLY N   H    sing N N 121 
GLY N   H2   sing N N 122 
GLY CA  C    sing N N 123 
GLY CA  HA2  sing N N 124 
GLY CA  HA3  sing N N 125 
GLY C   O    doub N N 126 
GLY C   OXT  sing N N 127 
GLY OXT HXT  sing N N 128 
HIS N   CA   sing N N 129 
HIS N   H    sing N N 130 
HIS N   H2   sing N N 131 
HIS CA  C    sing N N 132 
HIS CA  CB   sing N N 133 
HIS CA  HA   sing N N 134 
HIS C   O    doub N N 135 
HIS C   OXT  sing N N 136 
HIS CB  CG   sing N N 137 
HIS CB  HB2  sing N N 138 
HIS CB  HB3  sing N N 139 
HIS CG  ND1  sing Y N 140 
HIS CG  CD2  doub Y N 141 
HIS ND1 CE1  doub Y N 142 
HIS ND1 HD1  sing N N 143 
HIS CD2 NE2  sing Y N 144 
HIS CD2 HD2  sing N N 145 
HIS CE1 NE2  sing Y N 146 
HIS CE1 HE1  sing N N 147 
HIS NE2 HE2  sing N N 148 
HIS OXT HXT  sing N N 149 
HOH O   H1   sing N N 150 
HOH O   H2   sing N N 151 
ILE N   CA   sing N N 152 
ILE N   H    sing N N 153 
ILE N   H2   sing N N 154 
ILE CA  C    sing N N 155 
ILE CA  CB   sing N N 156 
ILE CA  HA   sing N N 157 
ILE C   O    doub N N 158 
ILE C   OXT  sing N N 159 
ILE CB  CG1  sing N N 160 
ILE CB  CG2  sing N N 161 
ILE CB  HB   sing N N 162 
ILE CG1 CD1  sing N N 163 
ILE CG1 HG12 sing N N 164 
ILE CG1 HG13 sing N N 165 
ILE CG2 HG21 sing N N 166 
ILE CG2 HG22 sing N N 167 
ILE CG2 HG23 sing N N 168 
ILE CD1 HD11 sing N N 169 
ILE CD1 HD12 sing N N 170 
ILE CD1 HD13 sing N N 171 
ILE OXT HXT  sing N N 172 
LEU N   CA   sing N N 173 
LEU N   H    sing N N 174 
LEU N   H2   sing N N 175 
LEU CA  C    sing N N 176 
LEU CA  CB   sing N N 177 
LEU CA  HA   sing N N 178 
LEU C   O    doub N N 179 
LEU C   OXT  sing N N 180 
LEU CB  CG   sing N N 181 
LEU CB  HB2  sing N N 182 
LEU CB  HB3  sing N N 183 
LEU CG  CD1  sing N N 184 
LEU CG  CD2  sing N N 185 
LEU CG  HG   sing N N 186 
LEU CD1 HD11 sing N N 187 
LEU CD1 HD12 sing N N 188 
LEU CD1 HD13 sing N N 189 
LEU CD2 HD21 sing N N 190 
LEU CD2 HD22 sing N N 191 
LEU CD2 HD23 sing N N 192 
LEU OXT HXT  sing N N 193 
LYS N   CA   sing N N 194 
LYS N   H    sing N N 195 
LYS N   H2   sing N N 196 
LYS CA  C    sing N N 197 
LYS CA  CB   sing N N 198 
LYS CA  HA   sing N N 199 
LYS C   O    doub N N 200 
LYS C   OXT  sing N N 201 
LYS CB  CG   sing N N 202 
LYS CB  HB2  sing N N 203 
LYS CB  HB3  sing N N 204 
LYS CG  CD   sing N N 205 
LYS CG  HG2  sing N N 206 
LYS CG  HG3  sing N N 207 
LYS CD  CE   sing N N 208 
LYS CD  HD2  sing N N 209 
LYS CD  HD3  sing N N 210 
LYS CE  NZ   sing N N 211 
LYS CE  HE2  sing N N 212 
LYS CE  HE3  sing N N 213 
LYS NZ  HZ1  sing N N 214 
LYS NZ  HZ2  sing N N 215 
LYS NZ  HZ3  sing N N 216 
LYS OXT HXT  sing N N 217 
MET N   CA   sing N N 218 
MET N   H    sing N N 219 
MET N   H2   sing N N 220 
MET CA  C    sing N N 221 
MET CA  CB   sing N N 222 
MET CA  HA   sing N N 223 
MET C   O    doub N N 224 
MET C   OXT  sing N N 225 
MET CB  CG   sing N N 226 
MET CB  HB2  sing N N 227 
MET CB  HB3  sing N N 228 
MET CG  SD   sing N N 229 
MET CG  HG2  sing N N 230 
MET CG  HG3  sing N N 231 
MET SD  CE   sing N N 232 
MET CE  HE1  sing N N 233 
MET CE  HE2  sing N N 234 
MET CE  HE3  sing N N 235 
MET OXT HXT  sing N N 236 
PHE N   CA   sing N N 237 
PHE N   H    sing N N 238 
PHE N   H2   sing N N 239 
PHE CA  C    sing N N 240 
PHE CA  CB   sing N N 241 
PHE CA  HA   sing N N 242 
PHE C   O    doub N N 243 
PHE C   OXT  sing N N 244 
PHE CB  CG   sing N N 245 
PHE CB  HB2  sing N N 246 
PHE CB  HB3  sing N N 247 
PHE CG  CD1  doub Y N 248 
PHE CG  CD2  sing Y N 249 
PHE CD1 CE1  sing Y N 250 
PHE CD1 HD1  sing N N 251 
PHE CD2 CE2  doub Y N 252 
PHE CD2 HD2  sing N N 253 
PHE CE1 CZ   doub Y N 254 
PHE CE1 HE1  sing N N 255 
PHE CE2 CZ   sing Y N 256 
PHE CE2 HE2  sing N N 257 
PHE CZ  HZ   sing N N 258 
PHE OXT HXT  sing N N 259 
PRO N   CA   sing N N 260 
PRO N   CD   sing N N 261 
PRO N   H    sing N N 262 
PRO CA  C    sing N N 263 
PRO CA  CB   sing N N 264 
PRO CA  HA   sing N N 265 
PRO C   O    doub N N 266 
PRO C   OXT  sing N N 267 
PRO CB  CG   sing N N 268 
PRO CB  HB2  sing N N 269 
PRO CB  HB3  sing N N 270 
PRO CG  CD   sing N N 271 
PRO CG  HG2  sing N N 272 
PRO CG  HG3  sing N N 273 
PRO CD  HD2  sing N N 274 
PRO CD  HD3  sing N N 275 
PRO OXT HXT  sing N N 276 
SER N   CA   sing N N 277 
SER N   H    sing N N 278 
SER N   H2   sing N N 279 
SER CA  C    sing N N 280 
SER CA  CB   sing N N 281 
SER CA  HA   sing N N 282 
SER C   O    doub N N 283 
SER C   OXT  sing N N 284 
SER CB  OG   sing N N 285 
SER CB  HB2  sing N N 286 
SER CB  HB3  sing N N 287 
SER OG  HG   sing N N 288 
SER OXT HXT  sing N N 289 
THR N   CA   sing N N 290 
THR N   H    sing N N 291 
THR N   H2   sing N N 292 
THR CA  C    sing N N 293 
THR CA  CB   sing N N 294 
THR CA  HA   sing N N 295 
THR C   O    doub N N 296 
THR C   OXT  sing N N 297 
THR CB  OG1  sing N N 298 
THR CB  CG2  sing N N 299 
THR CB  HB   sing N N 300 
THR OG1 HG1  sing N N 301 
THR CG2 HG21 sing N N 302 
THR CG2 HG22 sing N N 303 
THR CG2 HG23 sing N N 304 
THR OXT HXT  sing N N 305 
TYR N   CA   sing N N 306 
TYR N   H    sing N N 307 
TYR N   H2   sing N N 308 
TYR CA  C    sing N N 309 
TYR CA  CB   sing N N 310 
TYR CA  HA   sing N N 311 
TYR C   O    doub N N 312 
TYR C   OXT  sing N N 313 
TYR CB  CG   sing N N 314 
TYR CB  HB2  sing N N 315 
TYR CB  HB3  sing N N 316 
TYR CG  CD1  doub Y N 317 
TYR CG  CD2  sing Y N 318 
TYR CD1 CE1  sing Y N 319 
TYR CD1 HD1  sing N N 320 
TYR CD2 CE2  doub Y N 321 
TYR CD2 HD2  sing N N 322 
TYR CE1 CZ   doub Y N 323 
TYR CE1 HE1  sing N N 324 
TYR CE2 CZ   sing Y N 325 
TYR CE2 HE2  sing N N 326 
TYR CZ  OH   sing N N 327 
TYR OH  HH   sing N N 328 
TYR OXT HXT  sing N N 329 
VAL N   CA   sing N N 330 
VAL N   H    sing N N 331 
VAL N   H2   sing N N 332 
VAL CA  C    sing N N 333 
VAL CA  CB   sing N N 334 
VAL CA  HA   sing N N 335 
VAL C   O    doub N N 336 
VAL C   OXT  sing N N 337 
VAL CB  CG1  sing N N 338 
VAL CB  CG2  sing N N 339 
VAL CB  HB   sing N N 340 
VAL CG1 HG11 sing N N 341 
VAL CG1 HG12 sing N N 342 
VAL CG1 HG13 sing N N 343 
VAL CG2 HG21 sing N N 344 
VAL CG2 HG22 sing N N 345 
VAL CG2 HG23 sing N N 346 
VAL OXT HXT  sing N N 347 
# 
_atom_sites.entry_id                    3G19 
_atom_sites.fract_transf_matrix[1][1]   -0.01391079 
_atom_sites.fract_transf_matrix[1][2]   -0.02898657 
_atom_sites.fract_transf_matrix[1][3]   0.01355950 
_atom_sites.fract_transf_matrix[2][1]   -0.01751980 
_atom_sites.fract_transf_matrix[2][2]   -0.00237705 
_atom_sites.fract_transf_matrix[2][3]   -0.02305517 
_atom_sites.fract_transf_matrix[3][1]   0.00963432 
_atom_sites.fract_transf_matrix[3][2]   -0.00767800 
_atom_sites.fract_transf_matrix[3][3]   -0.00652958 
_atom_sites.fract_transf_vector[1]      0.389626 
_atom_sites.fract_transf_vector[2]      -0.028877 
_atom_sites.fract_transf_vector[3]      -0.116260 
# 
loop_
_atom_type.symbol 
C 
N 
O 
S 
# 
loop_
_atom_site.group_PDB 
_atom_site.id 
_atom_site.type_symbol 
_atom_site.label_atom_id 
_atom_site.label_alt_id 
_atom_site.label_comp_id 
_atom_site.label_asym_id 
_atom_site.label_entity_id 
_atom_site.label_seq_id 
_atom_site.pdbx_PDB_ins_code 
_atom_site.Cartn_x 
_atom_site.Cartn_y 
_atom_site.Cartn_z 
_atom_site.occupancy 
_atom_site.B_iso_or_equiv 
_atom_site.pdbx_formal_charge 
_atom_site.auth_seq_id 
_atom_site.auth_comp_id 
_atom_site.auth_asym_id 
_atom_site.auth_atom_id 
_atom_site.pdbx_PDB_model_num 
ATOM   1   N N   . GLN A 1 2  ? -0.862  19.524  -21.892 1.00 35.38 ? 36  GLN A N   1 
ATOM   2   C CA  . GLN A 1 2  ? -0.227  18.559  -21.003 1.00 27.35 ? 36  GLN A CA  1 
ATOM   3   C C   . GLN A 1 2  ? -1.117  17.338  -20.798 1.00 28.26 ? 36  GLN A C   1 
ATOM   4   O O   . GLN A 1 2  ? -2.284  17.329  -21.194 1.00 25.36 ? 36  GLN A O   1 
ATOM   5   C CB  . GLN A 1 2  ? 0.093   19.205  -19.651 1.00 25.89 ? 36  GLN A CB  1 
ATOM   6   C CG  . GLN A 1 2  ? 0.829   18.299  -18.671 1.00 26.34 ? 36  GLN A CG  1 
ATOM   7   C CD  . GLN A 1 2  ? 2.306   18.164  -18.988 1.00 28.62 ? 36  GLN A CD  1 
ATOM   8   O OE1 . GLN A 1 2  ? 2.815   17.061  -19.189 1.00 25.93 ? 36  GLN A OE1 1 
ATOM   9   N NE2 . GLN A 1 2  ? 3.004   19.293  -19.035 1.00 22.51 ? 36  GLN A NE2 1 
ATOM   10  N N   . LYS A 1 3  ? -0.554  16.307  -20.180 1.00 24.42 ? 37  LYS A N   1 
ATOM   11  C CA  . LYS A 1 3  ? -1.306  15.111  -19.841 1.00 24.91 ? 37  LYS A CA  1 
ATOM   12  C C   . LYS A 1 3  ? -0.610  14.311  -18.741 1.00 22.34 ? 37  LYS A C   1 
ATOM   13  O O   . LYS A 1 3  ? 0.067   13.319  -19.017 1.00 22.12 ? 37  LYS A O   1 
ATOM   14  C CB  . LYS A 1 3  ? -1.544  14.247  -21.082 1.00 21.17 ? 37  LYS A CB  1 
ATOM   15  C CG  . LYS A 1 3  ? -2.197  12.915  -20.775 1.00 24.82 ? 37  LYS A CG  1 
ATOM   16  C CD  . LYS A 1 3  ? -3.347  12.618  -21.718 1.00 29.51 ? 37  LYS A CD  1 
ATOM   17  C CE  . LYS A 1 3  ? -2.896  12.605  -23.162 1.00 25.54 ? 37  LYS A CE  1 
ATOM   18  N NZ  . LYS A 1 3  ? -3.577  11.514  -23.906 1.00 28.54 ? 37  LYS A NZ  1 
ATOM   19  N N   . PRO A 1 4  ? -0.770  14.756  -17.485 1.00 22.70 ? 38  PRO A N   1 
ATOM   20  C CA  . PRO A 1 4  ? -0.256  14.061  -16.299 1.00 23.31 ? 38  PRO A CA  1 
ATOM   21  C C   . PRO A 1 4  ? -0.626  12.583  -16.328 1.00 20.39 ? 38  PRO A C   1 
ATOM   22  O O   . PRO A 1 4  ? -1.807  12.246  -16.273 1.00 18.67 ? 38  PRO A O   1 
ATOM   23  C CB  . PRO A 1 4  ? -0.990  14.753  -15.150 1.00 22.57 ? 38  PRO A CB  1 
ATOM   24  C CG  . PRO A 1 4  ? -1.255  16.124  -15.652 1.00 22.06 ? 38  PRO A CG  1 
ATOM   25  C CD  . PRO A 1 4  ? -1.480  16.000  -17.133 1.00 25.25 ? 38  PRO A CD  1 
ATOM   26  N N   . SER A 1 5  ? 0.373   11.711  -16.408 1.00 15.29 ? 39  SER A N   1 
ATOM   27  C CA  . SER A 1 5  ? 0.114   10.284  -16.551 1.00 13.17 ? 39  SER A CA  1 
ATOM   28  C C   . SER A 1 5  ? 0.800   9.447   -15.477 1.00 14.25 ? 39  SER A C   1 
ATOM   29  O O   . SER A 1 5  ? 1.376   8.400   -15.768 1.00 9.30  ? 39  SER A O   1 
ATOM   30  C CB  . SER A 1 5  ? 0.537   9.806   -17.939 1.00 15.71 ? 39  SER A CB  1 
ATOM   31  O OG  . SER A 1 5  ? -0.030  10.626  -18.946 1.00 19.58 ? 39  SER A OG  1 
ATOM   32  N N   . LEU A 1 6  ? 0.735   9.916   -14.236 1.00 11.77 ? 40  LEU A N   1 
ATOM   33  C CA  . LEU A 1 6  ? 1.246   9.148   -13.109 1.00 10.57 ? 40  LEU A CA  1 
ATOM   34  C C   . LEU A 1 6  ? 0.100   8.406   -12.433 1.00 10.84 ? 40  LEU A C   1 
ATOM   35  O O   . LEU A 1 6  ? -1.067  8.727   -12.646 1.00 13.28 ? 40  LEU A O   1 
ATOM   36  C CB  . LEU A 1 6  ? 1.968   10.060  -12.118 1.00 9.03  ? 40  LEU A CB  1 
ATOM   37  C CG  . LEU A 1 6  ? 3.187   10.770  -12.710 1.00 9.35  ? 40  LEU A CG  1 
ATOM   38  C CD1 . LEU A 1 6  ? 3.881   11.630  -11.664 1.00 11.06 ? 40  LEU A CD1 1 
ATOM   39  C CD2 . LEU A 1 6  ? 4.150   9.754   -13.302 1.00 8.89  ? 40  LEU A CD2 1 
ATOM   40  N N   . TYR A 1 7  ? 0.438   7.411   -11.621 1.00 8.14  ? 41  TYR A N   1 
ATOM   41  C CA  . TYR A 1 7  ? -0.568  6.542   -11.026 1.00 10.27 ? 41  TYR A CA  1 
ATOM   42  C C   . TYR A 1 7  ? -0.387  6.390   -9.522  1.00 8.61  ? 41  TYR A C   1 
ATOM   43  O O   . TYR A 1 7  ? 0.721   6.159   -9.040  1.00 7.94  ? 41  TYR A O   1 
ATOM   44  C CB  . TYR A 1 7  ? -0.540  5.170   -11.700 1.00 8.50  ? 41  TYR A CB  1 
ATOM   45  C CG  . TYR A 1 7  ? -1.109  5.167   -13.101 1.00 8.44  ? 41  TYR A CG  1 
ATOM   46  C CD1 . TYR A 1 7  ? -0.388  5.688   -14.168 1.00 9.60  ? 41  TYR A CD1 1 
ATOM   47  C CD2 . TYR A 1 7  ? -2.366  4.641   -13.356 1.00 10.37 ? 41  TYR A CD2 1 
ATOM   48  C CE1 . TYR A 1 7  ? -0.909  5.688   -15.449 1.00 10.89 ? 41  TYR A CE1 1 
ATOM   49  C CE2 . TYR A 1 7  ? -2.891  4.629   -14.632 1.00 10.28 ? 41  TYR A CE2 1 
ATOM   50  C CZ  . TYR A 1 7  ? -2.161  5.157   -15.674 1.00 13.50 ? 41  TYR A CZ  1 
ATOM   51  O OH  . TYR A 1 7  ? -2.688  5.148   -16.945 1.00 14.36 ? 41  TYR A OH  1 
ATOM   52  N N   . ARG A 1 8  ? -1.487  6.516   -8.787  1.00 11.60 ? 42  ARG A N   1 
ATOM   53  C CA  . ARG A 1 8  ? -1.459  6.358   -7.340  1.00 9.49  ? 42  ARG A CA  1 
ATOM   54  C C   . ARG A 1 8  ? -1.693  4.903   -6.950  1.00 9.94  ? 42  ARG A C   1 
ATOM   55  O O   . ARG A 1 8  ? -2.505  4.208   -7.562  1.00 7.26  ? 42  ARG A O   1 
ATOM   56  C CB  . ARG A 1 8  ? -2.501  7.260   -6.676  1.00 11.70 ? 42  ARG A CB  1 
ATOM   57  C CG  . ARG A 1 8  ? -3.929  6.997   -7.120  1.00 16.17 ? 42  ARG A CG  1 
ATOM   58  C CD  . ARG A 1 8  ? -4.878  8.049   -6.571  1.00 22.21 ? 42  ARG A CD  1 
ATOM   59  N NE  . ARG A 1 8  ? -6.222  7.905   -7.120  1.00 26.85 ? 42  ARG A NE  1 
ATOM   60  C CZ  . ARG A 1 8  ? -7.203  8.781   -6.937  1.00 28.23 ? 42  ARG A CZ  1 
ATOM   61  N NH1 . ARG A 1 8  ? -6.993  9.875   -6.216  1.00 34.04 ? 42  ARG A NH1 1 
ATOM   62  N NH2 . ARG A 1 8  ? -8.393  8.565   -7.476  1.00 30.54 ? 42  ARG A NH2 1 
ATOM   63  N N   . VAL A 1 9  ? -0.969  4.448   -5.936  1.00 7.58  ? 43  VAL A N   1 
ATOM   64  C CA  . VAL A 1 9  ? -1.118  3.085   -5.449  1.00 8.00  ? 43  VAL A CA  1 
ATOM   65  C C   . VAL A 1 9  ? -1.945  3.073   -4.170  1.00 11.23 ? 43  VAL A C   1 
ATOM   66  O O   . VAL A 1 9  ? -1.673  3.826   -3.235  1.00 6.97  ? 43  VAL A O   1 
ATOM   67  C CB  . VAL A 1 9  ? 0.248   2.425   -5.188  1.00 9.11  ? 43  VAL A CB  1 
ATOM   68  C CG1 . VAL A 1 9  ? 0.061   1.027   -4.624  1.00 6.76  ? 43  VAL A CG1 1 
ATOM   69  C CG2 . VAL A 1 9  ? 1.065   2.382   -6.470  1.00 10.00 ? 43  VAL A CG2 1 
ATOM   70  N N   . LEU A 1 10 ? -2.964  2.220   -4.140  1.00 8.87  ? 44  LEU A N   1 
ATOM   71  C CA  . LEU A 1 10 ? -3.849  2.131   -2.988  1.00 8.81  ? 44  LEU A CA  1 
ATOM   72  C C   . LEU A 1 10 ? -3.687  0.808   -2.258  1.00 9.48  ? 44  LEU A C   1 
ATOM   73  O O   . LEU A 1 10 ? -3.468  -0.234  -2.875  1.00 7.50  ? 44  LEU A O   1 
ATOM   74  C CB  . LEU A 1 10 ? -5.309  2.278   -3.417  1.00 8.44  ? 44  LEU A CB  1 
ATOM   75  C CG  . LEU A 1 10 ? -5.679  3.419   -4.363  1.00 11.55 ? 44  LEU A CG  1 
ATOM   76  C CD1 . LEU A 1 10 ? -7.154  3.332   -4.722  1.00 8.47  ? 44  LEU A CD1 1 
ATOM   77  C CD2 . LEU A 1 10 ? -5.350  4.768   -3.745  1.00 10.95 ? 44  LEU A CD2 1 
ATOM   78  N N   . ILE A 1 11 ? -3.797  0.863   -0.938  1.00 8.76  ? 45  ILE A N   1 
ATOM   79  C CA  . ILE A 1 11 ? -3.894  -0.337  -0.126  1.00 9.03  ? 45  ILE A CA  1 
ATOM   80  C C   . ILE A 1 11 ? -5.245  -0.325  0.571   1.00 9.13  ? 45  ILE A C   1 
ATOM   81  O O   . ILE A 1 11 ? -5.615  0.659   1.211   1.00 8.52  ? 45  ILE A O   1 
ATOM   82  C CB  . ILE A 1 11 ? -2.760  -0.425  0.907   1.00 9.28  ? 45  ILE A CB  1 
ATOM   83  C CG1 . ILE A 1 11 ? -1.490  -0.971  0.249   1.00 9.17  ? 45  ILE A CG1 1 
ATOM   84  C CG2 . ILE A 1 11 ? -3.167  -1.313  2.072   1.00 8.02  ? 45  ILE A CG2 1 
ATOM   85  C CD1 . ILE A 1 11 ? -0.312  -1.085  1.191   1.00 8.06  ? 45  ILE A CD1 1 
ATOM   86  N N   . LEU A 1 12 ? -5.992  -1.413  0.426   1.00 7.35  ? 46  LEU A N   1 
ATOM   87  C CA  . LEU A 1 12 ? -7.322  -1.498  1.008   1.00 7.95  ? 46  LEU A CA  1 
ATOM   88  C C   . LEU A 1 12 ? -7.277  -2.171  2.368   1.00 10.75 ? 46  LEU A C   1 
ATOM   89  O O   . LEU A 1 12 ? -6.411  -3.005  2.634   1.00 8.53  ? 46  LEU A O   1 
ATOM   90  C CB  . LEU A 1 12 ? -8.276  -2.248  0.077   1.00 9.67  ? 46  LEU A CB  1 
ATOM   91  C CG  . LEU A 1 12 ? -8.845  -1.455  -1.100  1.00 11.16 ? 46  LEU A CG  1 
ATOM   92  C CD1 . LEU A 1 12 ? -7.735  -0.920  -1.991  1.00 12.81 ? 46  LEU A CD1 1 
ATOM   93  C CD2 . LEU A 1 12 ? -9.812  -2.312  -1.902  1.00 15.47 ? 46  LEU A CD2 1 
ATOM   94  N N   . ASN A 1 13 ? -8.217  -1.803  3.229   1.00 9.21  ? 47  ASN A N   1 
ATOM   95  C CA  . ASN A 1 13 ? -8.290  -2.390  4.555   1.00 9.89  ? 47  ASN A CA  1 
ATOM   96  C C   . ASN A 1 13 ? -8.915  -3.775  4.532   1.00 7.92  ? 47  ASN A C   1 
ATOM   97  O O   . ASN A 1 13 ? -9.720  -4.096  3.659   1.00 9.50  ? 47  ASN A O   1 
ATOM   98  C CB  . ASN A 1 13 ? -9.082  -1.491  5.503   1.00 8.35  ? 47  ASN A CB  1 
ATOM   99  C CG  . ASN A 1 13 ? -9.060  -1.996  6.933   1.00 9.81  ? 47  ASN A CG  1 
ATOM   100 O OD1 . ASN A 1 13 ? -7.996  -2.282  7.481   1.00 8.76  ? 47  ASN A OD1 1 
ATOM   101 N ND2 . ASN A 1 13 ? -10.234 -2.110  7.543   1.00 11.87 ? 47  ASN A ND2 1 
ATOM   102 N N   . ASP A 1 14 ? -8.524  -4.594  5.498   1.00 9.89  ? 48  ASP A N   1 
ATOM   103 C CA  . ASP A 1 14 ? -9.203  -5.850  5.774   1.00 11.94 ? 48  ASP A CA  1 
ATOM   104 C C   . ASP A 1 14 ? -9.019  -6.138  7.257   1.00 11.99 ? 48  ASP A C   1 
ATOM   105 O O   . ASP A 1 14 ? -8.231  -5.472  7.927   1.00 11.09 ? 48  ASP A O   1 
ATOM   106 C CB  . ASP A 1 14 ? -8.657  -6.985  4.903   1.00 10.98 ? 48  ASP A CB  1 
ATOM   107 C CG  . ASP A 1 14 ? -7.231  -7.352  5.247   1.00 9.74  ? 48  ASP A CG  1 
ATOM   108 O OD1 . ASP A 1 14 ? -6.998  -7.848  6.367   1.00 13.31 ? 48  ASP A OD1 1 
ATOM   109 O OD2 . ASP A 1 14 ? -6.342  -7.161  4.390   1.00 9.09  ? 48  ASP A OD2 1 
ATOM   110 N N   . ASP A 1 15 ? -9.746  -7.120  7.773   1.00 13.21 ? 49  ASP A N   1 
ATOM   111 C CA  . ASP A 1 15 ? -9.756  -7.366  9.210   1.00 15.24 ? 49  ASP A CA  1 
ATOM   112 C C   . ASP A 1 15 ? -8.728  -8.408  9.648   1.00 16.30 ? 49  ASP A C   1 
ATOM   113 O O   . ASP A 1 15 ? -8.723  -8.829  10.803  1.00 17.00 ? 49  ASP A O   1 
ATOM   114 C CB  . ASP A 1 15 ? -11.156 -7.792  9.660   1.00 19.40 ? 49  ASP A CB  1 
ATOM   115 C CG  . ASP A 1 15 ? -12.215 -6.755  9.331   1.00 27.10 ? 49  ASP A CG  1 
ATOM   116 O OD1 . ASP A 1 15 ? -11.959 -5.552  9.545   1.00 22.16 ? 49  ASP A OD1 1 
ATOM   117 O OD2 . ASP A 1 15 ? -13.305 -7.144  8.863   1.00 33.24 ? 49  ASP A OD2 1 
ATOM   118 N N   . TYR A 1 16 ? -7.847  -8.808  8.735   1.00 12.81 ? 50  TYR A N   1 
ATOM   119 C CA  . TYR A 1 16 ? -6.947  -9.932  8.999   1.00 13.09 ? 50  TYR A CA  1 
ATOM   120 C C   . TYR A 1 16 ? -5.456  -9.599  8.945   1.00 13.72 ? 50  TYR A C   1 
ATOM   121 O O   . TYR A 1 16 ? -4.676  -10.114 9.744   1.00 12.15 ? 50  TYR A O   1 
ATOM   122 C CB  . TYR A 1 16 ? -7.280  -11.093 8.061   1.00 12.47 ? 50  TYR A CB  1 
ATOM   123 C CG  . TYR A 1 16 ? -8.747  -11.443 8.094   1.00 13.13 ? 50  TYR A CG  1 
ATOM   124 C CD1 . TYR A 1 16 ? -9.276  -12.187 9.138   1.00 15.41 ? 50  TYR A CD1 1 
ATOM   125 C CD2 . TYR A 1 16 ? -9.608  -11.007 7.096   1.00 14.12 ? 50  TYR A CD2 1 
ATOM   126 C CE1 . TYR A 1 16 ? -10.617 -12.501 9.183   1.00 15.23 ? 50  TYR A CE1 1 
ATOM   127 C CE2 . TYR A 1 16 ? -10.955 -11.316 7.131   1.00 14.23 ? 50  TYR A CE2 1 
ATOM   128 C CZ  . TYR A 1 16 ? -11.453 -12.064 8.179   1.00 16.51 ? 50  TYR A CZ  1 
ATOM   129 O OH  . TYR A 1 16 ? -12.789 -12.379 8.228   1.00 21.39 ? 50  TYR A OH  1 
ATOM   130 N N   . THR A 1 17 ? -5.059  -8.747  8.007   1.00 10.89 ? 51  THR A N   1 
ATOM   131 C CA  . THR A 1 17 ? -3.657  -8.359  7.880   1.00 10.99 ? 51  THR A CA  1 
ATOM   132 C C   . THR A 1 17 ? -3.207  -7.542  9.085   1.00 11.40 ? 51  THR A C   1 
ATOM   133 O O   . THR A 1 17 ? -3.871  -6.578  9.462   1.00 9.50  ? 51  THR A O   1 
ATOM   134 C CB  . THR A 1 17 ? -3.415  -7.528  6.610   1.00 9.99  ? 51  THR A CB  1 
ATOM   135 O OG1 . THR A 1 17 ? -3.939  -8.225  5.474   1.00 8.32  ? 51  THR A OG1 1 
ATOM   136 C CG2 . THR A 1 17 ? -1.926  -7.283  6.415   1.00 7.83  ? 51  THR A CG2 1 
ATOM   137 N N   . PRO A 1 18 ? -2.077  -7.927  9.694   1.00 9.46  ? 52  PRO A N   1 
ATOM   138 C CA  . PRO A 1 18 ? -1.545  -7.201  10.854  1.00 14.82 ? 52  PRO A CA  1 
ATOM   139 C C   . PRO A 1 18 ? -1.068  -5.800  10.495  1.00 12.29 ? 52  PRO A C   1 
ATOM   140 O O   . PRO A 1 18 ? -0.461  -5.597  9.444   1.00 10.78 ? 52  PRO A O   1 
ATOM   141 C CB  . PRO A 1 18 ? -0.344  -8.048  11.290  1.00 14.07 ? 52  PRO A CB  1 
ATOM   142 C CG  . PRO A 1 18 ? -0.539  -9.376  10.657  1.00 10.58 ? 52  PRO A CG  1 
ATOM   143 C CD  . PRO A 1 18 ? -1.295  -9.137  9.392   1.00 11.66 ? 52  PRO A CD  1 
ATOM   144 N N   . MET A 1 19 ? -1.340  -4.847  11.378  1.00 12.43 ? 53  MET A N   1 
ATOM   145 C CA  . MET A 1 19 ? -0.857  -3.484  11.209  1.00 11.50 ? 53  MET A CA  1 
ATOM   146 C C   . MET A 1 19 ? 0.636   -3.473  10.905  1.00 13.28 ? 53  MET A C   1 
ATOM   147 O O   . MET A 1 19 ? 1.089   -2.780  9.996   1.00 13.13 ? 53  MET A O   1 
ATOM   148 C CB  . MET A 1 19 ? -1.142  -2.663  12.465  1.00 14.65 ? 53  MET A CB  1 
ATOM   149 C CG  . MET A 1 19 ? -2.596  -2.271  12.629  1.00 15.13 ? 53  MET A CG  1 
ATOM   150 S SD  . MET A 1 19 ? -2.815  -1.075  13.957  1.00 14.21 ? 53  MET A SD  1 
ATOM   151 C CE  . MET A 1 19 ? -4.578  -0.795  13.877  1.00 15.15 ? 53  MET A CE  1 
ATOM   152 N N   . GLU A 1 20 ? 1.393   -4.254  11.671  1.00 12.95 ? 54  GLU A N   1 
ATOM   153 C CA  . GLU A 1 20 ? 2.839   -4.352  11.497  1.00 13.46 ? 54  GLU A CA  1 
ATOM   154 C C   . GLU A 1 20 ? 3.237   -4.671  10.059  1.00 12.41 ? 54  GLU A C   1 
ATOM   155 O O   . GLU A 1 20 ? 4.219   -4.135  9.550   1.00 7.97  ? 54  GLU A O   1 
ATOM   156 C CB  . GLU A 1 20 ? 3.419   -5.422  12.424  1.00 15.97 ? 54  GLU A CB  1 
ATOM   157 C CG  . GLU A 1 20 ? 2.921   -5.361  13.853  1.00 30.31 ? 54  GLU A CG  1 
ATOM   158 C CD  . GLU A 1 20 ? 3.284   -4.066  14.543  1.00 31.47 ? 54  GLU A CD  1 
ATOM   159 O OE1 . GLU A 1 20 ? 4.291   -4.051  15.280  1.00 40.72 ? 54  GLU A OE1 1 
ATOM   160 O OE2 . GLU A 1 20 ? 2.569   -3.063  14.343  1.00 35.04 ? 54  GLU A OE2 1 
ATOM   161 N N   . PHE A 1 21 ? 2.493   -5.559  9.408   1.00 14.19 ? 55  PHE A N   1 
ATOM   162 C CA  . PHE A 1 21 ? 2.831   -5.932  8.039   1.00 9.61  ? 55  PHE A CA  1 
ATOM   163 C C   . PHE A 1 21 ? 2.648   -4.754  7.092   1.00 9.17  ? 55  PHE A C   1 
ATOM   164 O O   . PHE A 1 21 ? 3.487   -4.506  6.227   1.00 8.84  ? 55  PHE A O   1 
ATOM   165 C CB  . PHE A 1 21 ? 2.008   -7.125  7.550   1.00 8.85  ? 55  PHE A CB  1 
ATOM   166 C CG  . PHE A 1 21 ? 2.263   -7.471  6.109   1.00 8.79  ? 55  PHE A CG  1 
ATOM   167 C CD1 . PHE A 1 21 ? 3.454   -8.068  5.729   1.00 10.01 ? 55  PHE A CD1 1 
ATOM   168 C CD2 . PHE A 1 21 ? 1.324   -7.182  5.133   1.00 7.78  ? 55  PHE A CD2 1 
ATOM   169 C CE1 . PHE A 1 21 ? 3.700   -8.380  4.405   1.00 7.41  ? 55  PHE A CE1 1 
ATOM   170 C CE2 . PHE A 1 21 ? 1.562   -7.491  3.807   1.00 7.67  ? 55  PHE A CE2 1 
ATOM   171 C CZ  . PHE A 1 21 ? 2.753   -8.091  3.443   1.00 10.12 ? 55  PHE A CZ  1 
ATOM   172 N N   . VAL A 1 22 ? 1.548   -4.030  7.261   1.00 8.89  ? 56  VAL A N   1 
ATOM   173 C CA  . VAL A 1 22 ? 1.261   -2.880  6.413   1.00 7.74  ? 56  VAL A CA  1 
ATOM   174 C C   . VAL A 1 22 ? 2.328   -1.795  6.559   1.00 7.58  ? 56  VAL A C   1 
ATOM   175 O O   . VAL A 1 22 ? 2.725   -1.169  5.578   1.00 7.26  ? 56  VAL A O   1 
ATOM   176 C CB  . VAL A 1 22 ? -0.136  -2.303  6.700   1.00 9.64  ? 56  VAL A CB  1 
ATOM   177 C CG1 . VAL A 1 22 ? -0.370  -1.043  5.880   1.00 6.32  ? 56  VAL A CG1 1 
ATOM   178 C CG2 . VAL A 1 22 ? -1.207  -3.345  6.403   1.00 10.03 ? 56  VAL A CG2 1 
ATOM   179 N N   . VAL A 1 23 ? 2.797   -1.579  7.783   1.00 7.37  ? 57  VAL A N   1 
ATOM   180 C CA  . VAL A 1 23 ? 3.880   -0.630  8.015   1.00 8.53  ? 57  VAL A CA  1 
ATOM   181 C C   . VAL A 1 23 ? 5.137   -1.089  7.279   1.00 8.08  ? 57  VAL A C   1 
ATOM   182 O O   . VAL A 1 23 ? 5.866   -0.279  6.706   1.00 7.98  ? 57  VAL A O   1 
ATOM   183 C CB  . VAL A 1 23 ? 4.177   -0.464  9.518   1.00 10.22 ? 57  VAL A CB  1 
ATOM   184 C CG1 . VAL A 1 23 ? 5.399   0.417   9.729   1.00 10.22 ? 57  VAL A CG1 1 
ATOM   185 C CG2 . VAL A 1 23 ? 2.966   0.116   10.236  1.00 9.74  ? 57  VAL A CG2 1 
ATOM   186 N N   . TYR A 1 24 ? 5.372   -2.398  7.290   1.00 9.48  ? 58  TYR A N   1 
ATOM   187 C CA  . TYR A 1 24 ? 6.501   -2.993  6.582   1.00 9.30  ? 58  TYR A CA  1 
ATOM   188 C C   . TYR A 1 24 ? 6.460   -2.718  5.081   1.00 7.93  ? 58  TYR A C   1 
ATOM   189 O O   . TYR A 1 24 ? 7.463   -2.313  4.492   1.00 6.24  ? 58  TYR A O   1 
ATOM   190 C CB  . TYR A 1 24 ? 6.552   -4.502  6.832   1.00 9.27  ? 58  TYR A CB  1 
ATOM   191 C CG  . TYR A 1 24 ? 7.362   -5.275  5.811   1.00 8.69  ? 58  TYR A CG  1 
ATOM   192 C CD1 . TYR A 1 24 ? 8.748   -5.178  5.775   1.00 9.06  ? 58  TYR A CD1 1 
ATOM   193 C CD2 . TYR A 1 24 ? 6.741   -6.110  4.890   1.00 9.42  ? 58  TYR A CD2 1 
ATOM   194 C CE1 . TYR A 1 24 ? 9.490   -5.884  4.846   1.00 8.70  ? 58  TYR A CE1 1 
ATOM   195 C CE2 . TYR A 1 24 ? 7.475   -6.821  3.958   1.00 8.92  ? 58  TYR A CE2 1 
ATOM   196 C CZ  . TYR A 1 24 ? 8.849   -6.705  3.940   1.00 8.96  ? 58  TYR A CZ  1 
ATOM   197 O OH  . TYR A 1 24 ? 9.582   -7.411  3.015   1.00 8.29  ? 58  TYR A OH  1 
ATOM   198 N N   . VAL A 1 25 ? 5.304   -2.943  4.464   1.00 8.60  ? 59  VAL A N   1 
ATOM   199 C CA  . VAL A 1 25 ? 5.170   -2.742  3.023   1.00 8.20  ? 59  VAL A CA  1 
ATOM   200 C C   . VAL A 1 25 ? 5.319   -1.272  2.642   1.00 7.32  ? 59  VAL A C   1 
ATOM   201 O O   . VAL A 1 25 ? 5.843   -0.950  1.578   1.00 6.34  ? 59  VAL A O   1 
ATOM   202 C CB  . VAL A 1 25 ? 3.836   -3.298  2.471   1.00 7.37  ? 59  VAL A CB  1 
ATOM   203 C CG1 . VAL A 1 25 ? 3.790   -4.812  2.613   1.00 9.85  ? 59  VAL A CG1 1 
ATOM   204 C CG2 . VAL A 1 25 ? 2.650   -2.657  3.166   1.00 11.76 ? 59  VAL A CG2 1 
ATOM   205 N N   . LEU A 1 26 ? 4.865   -0.384  3.520   1.00 6.45  ? 60  LEU A N   1 
ATOM   206 C CA  . LEU A 1 26 ? 4.965   1.050   3.270   1.00 6.46  ? 60  LEU A CA  1 
ATOM   207 C C   . LEU A 1 26 ? 6.410   1.525   3.378   1.00 8.27  ? 60  LEU A C   1 
ATOM   208 O O   . LEU A 1 26 ? 6.889   2.278   2.530   1.00 7.84  ? 60  LEU A O   1 
ATOM   209 C CB  . LEU A 1 26 ? 4.068   1.827   4.236   1.00 6.67  ? 60  LEU A CB  1 
ATOM   210 C CG  . LEU A 1 26 ? 2.573   1.710   3.935   1.00 7.23  ? 60  LEU A CG  1 
ATOM   211 C CD1 . LEU A 1 26 ? 1.734   2.039   5.161   1.00 9.45  ? 60  LEU A CD1 1 
ATOM   212 C CD2 . LEU A 1 26 ? 2.195   2.598   2.757   1.00 7.34  ? 60  LEU A CD2 1 
ATOM   213 N N   . GLU A 1 27 ? 7.099   1.071   4.419   1.00 7.20  ? 61  GLU A N   1 
ATOM   214 C CA  . GLU A 1 27 ? 8.491   1.451   4.639   1.00 7.60  ? 61  GLU A CA  1 
ATOM   215 C C   . GLU A 1 27 ? 9.420   0.917   3.550   1.00 8.78  ? 61  GLU A C   1 
ATOM   216 O O   . GLU A 1 27 ? 10.362  1.598   3.144   1.00 8.52  ? 61  GLU A O   1 
ATOM   217 C CB  . GLU A 1 27 ? 8.960   0.987   6.023   1.00 7.99  ? 61  GLU A CB  1 
ATOM   218 C CG  . GLU A 1 27 ? 8.293   1.728   7.173   1.00 8.56  ? 61  GLU A CG  1 
ATOM   219 C CD  . GLU A 1 27 ? 8.778   1.268   8.536   1.00 13.25 ? 61  GLU A CD  1 
ATOM   220 O OE1 . GLU A 1 27 ? 9.517   0.264   8.602   1.00 13.63 ? 61  GLU A OE1 1 
ATOM   221 O OE2 . GLU A 1 27 ? 8.416   1.913   9.542   1.00 11.94 ? 61  GLU A OE2 1 
ATOM   222 N N   . ARG A 1 28 ? 9.152   -0.294  3.070   1.00 7.04  ? 62  ARG A N   1 
ATOM   223 C CA  . ARG A 1 28 ? 10.014  -0.908  2.064   1.00 6.43  ? 62  ARG A CA  1 
ATOM   224 C C   . ARG A 1 28 ? 9.585   -0.603  0.631   1.00 7.57  ? 62  ARG A C   1 
ATOM   225 O O   . ARG A 1 28 ? 10.308  0.056   -0.116  1.00 7.56  ? 62  ARG A O   1 
ATOM   226 C CB  . ARG A 1 28 ? 10.104  -2.425  2.258   1.00 8.60  ? 62  ARG A CB  1 
ATOM   227 C CG  . ARG A 1 28 ? 10.915  -3.110  1.166   1.00 8.12  ? 62  ARG A CG  1 
ATOM   228 C CD  . ARG A 1 28 ? 11.052  -4.608  1.379   1.00 8.07  ? 62  ARG A CD  1 
ATOM   229 N NE  . ARG A 1 28 ? 11.897  -5.205  0.348   1.00 8.24  ? 62  ARG A NE  1 
ATOM   230 C CZ  . ARG A 1 28 ? 12.144  -6.506  0.234   1.00 8.95  ? 62  ARG A CZ  1 
ATOM   231 N NH1 . ARG A 1 28 ? 11.608  -7.363  1.091   1.00 9.23  ? 62  ARG A NH1 1 
ATOM   232 N NH2 . ARG A 1 28 ? 12.926  -6.950  -0.740  1.00 12.12 ? 62  ARG A NH2 1 
ATOM   233 N N   . PHE A 1 29 ? 8.409   -1.090  0.249   1.00 6.74  ? 63  PHE A N   1 
ATOM   234 C CA  . PHE A 1 29 ? 7.963   -0.991  -1.137  1.00 7.01  ? 63  PHE A CA  1 
ATOM   235 C C   . PHE A 1 29 ? 7.558   0.424   -1.540  1.00 8.60  ? 63  PHE A C   1 
ATOM   236 O O   . PHE A 1 29 ? 7.384   0.713   -2.724  1.00 11.82 ? 63  PHE A O   1 
ATOM   237 C CB  . PHE A 1 29 ? 6.823   -1.977  -1.408  1.00 7.92  ? 63  PHE A CB  1 
ATOM   238 C CG  . PHE A 1 29 ? 7.196   -3.410  -1.161  1.00 8.33  ? 63  PHE A CG  1 
ATOM   239 C CD1 . PHE A 1 29 ? 8.257   -3.987  -1.839  1.00 8.39  ? 63  PHE A CD1 1 
ATOM   240 C CD2 . PHE A 1 29 ? 6.490   -4.180  -0.252  1.00 8.63  ? 63  PHE A CD2 1 
ATOM   241 C CE1 . PHE A 1 29 ? 8.608   -5.304  -1.615  1.00 9.49  ? 63  PHE A CE1 1 
ATOM   242 C CE2 . PHE A 1 29 ? 6.835   -5.500  -0.025  1.00 8.83  ? 63  PHE A CE2 1 
ATOM   243 C CZ  . PHE A 1 29 ? 7.896   -6.062  -0.707  1.00 7.95  ? 63  PHE A CZ  1 
ATOM   244 N N   . PHE A 1 30 ? 7.419   1.307   -0.559  1.00 9.21  ? 64  PHE A N   1 
ATOM   245 C CA  . PHE A 1 30 ? 7.024   2.682   -0.838  1.00 8.18  ? 64  PHE A CA  1 
ATOM   246 C C   . PHE A 1 30 ? 7.959   3.693   -0.185  1.00 8.82  ? 64  PHE A C   1 
ATOM   247 O O   . PHE A 1 30 ? 7.645   4.881   -0.096  1.00 8.74  ? 64  PHE A O   1 
ATOM   248 C CB  . PHE A 1 30 ? 5.572   2.914   -0.424  1.00 9.08  ? 64  PHE A CB  1 
ATOM   249 C CG  . PHE A 1 30 ? 4.604   2.006   -1.122  1.00 8.65  ? 64  PHE A CG  1 
ATOM   250 C CD1 . PHE A 1 30 ? 4.216   2.261   -2.427  1.00 7.89  ? 64  PHE A CD1 1 
ATOM   251 C CD2 . PHE A 1 30 ? 4.099   0.887   -0.484  1.00 8.92  ? 64  PHE A CD2 1 
ATOM   252 C CE1 . PHE A 1 30 ? 3.332   1.425   -3.078  1.00 9.41  ? 64  PHE A CE1 1 
ATOM   253 C CE2 . PHE A 1 30 ? 3.213   0.045   -1.129  1.00 7.34  ? 64  PHE A CE2 1 
ATOM   254 C CZ  . PHE A 1 30 ? 2.829   0.314   -2.429  1.00 9.59  ? 64  PHE A CZ  1 
ATOM   255 N N   . ASN A 1 31 ? 9.110   3.207   0.270   1.00 7.55  ? 65  ASN A N   1 
ATOM   256 C CA  . ASN A 1 31 ? 10.180  4.068   0.760   1.00 8.49  ? 65  ASN A CA  1 
ATOM   257 C C   . ASN A 1 31 ? 9.726   5.056   1.833   1.00 8.73  ? 65  ASN A C   1 
ATOM   258 O O   . ASN A 1 31 ? 10.278  6.149   1.950   1.00 8.58  ? 65  ASN A O   1 
ATOM   259 C CB  . ASN A 1 31 ? 10.816  4.825   -0.409  1.00 7.43  ? 65  ASN A CB  1 
ATOM   260 C CG  . ASN A 1 31 ? 11.121  3.924   -1.594  1.00 8.74  ? 65  ASN A CG  1 
ATOM   261 O OD1 . ASN A 1 31 ? 10.742  4.221   -2.727  1.00 12.74 ? 65  ASN A OD1 1 
ATOM   262 N ND2 . ASN A 1 31 ? 11.804  2.817   -1.336  1.00 7.49  ? 65  ASN A ND2 1 
ATOM   263 N N   . LYS A 1 32 ? 8.725   4.668   2.616   1.00 8.18  ? 66  LYS A N   1 
ATOM   264 C CA  . LYS A 1 32 ? 8.173   5.555   3.635   1.00 10.22 ? 66  LYS A CA  1 
ATOM   265 C C   . LYS A 1 32 ? 8.995   5.575   4.921   1.00 9.85  ? 66  LYS A C   1 
ATOM   266 O O   . LYS A 1 32 ? 9.562   4.563   5.333   1.00 8.55  ? 66  LYS A O   1 
ATOM   267 C CB  . LYS A 1 32 ? 6.723   5.175   3.951   1.00 9.36  ? 66  LYS A CB  1 
ATOM   268 C CG  . LYS A 1 32 ? 5.775   5.313   2.771   1.00 9.25  ? 66  LYS A CG  1 
ATOM   269 C CD  . LYS A 1 32 ? 5.425   6.770   2.504   1.00 10.56 ? 66  LYS A CD  1 
ATOM   270 C CE  . LYS A 1 32 ? 4.645   6.930   1.207   1.00 13.98 ? 66  LYS A CE  1 
ATOM   271 N NZ  . LYS A 1 32 ? 5.526   6.879   0.009   1.00 11.91 ? 66  LYS A NZ  1 
ATOM   272 N N   . SER A 1 33 ? 9.057   6.746   5.545   1.00 9.86  ? 67  SER A N   1 
ATOM   273 C CA  . SER A 1 33 ? 9.639   6.874   6.869   1.00 10.25 ? 67  SER A CA  1 
ATOM   274 C C   . SER A 1 33 ? 8.687   6.215   7.851   1.00 13.45 ? 67  SER A C   1 
ATOM   275 O O   . SER A 1 33 ? 7.542   5.920   7.506   1.00 9.57  ? 67  SER A O   1 
ATOM   276 C CB  . SER A 1 33 ? 9.818   8.347   7.232   1.00 13.09 ? 67  SER A CB  1 
ATOM   277 O OG  . SER A 1 33 ? 8.581   9.033   7.169   1.00 11.94 ? 67  SER A OG  1 
ATOM   278 N N   . ARG A 1 34 ? 9.150   5.981   9.075   1.00 9.86  ? 68  ARG A N   1 
ATOM   279 C CA  . ARG A 1 34 ? 8.287   5.381   10.081  1.00 11.53 ? 68  ARG A CA  1 
ATOM   280 C C   . ARG A 1 34 ? 7.037   6.228   10.302  1.00 11.92 ? 68  ARG A C   1 
ATOM   281 O O   . ARG A 1 34 ? 5.928   5.702   10.331  1.00 12.12 ? 68  ARG A O   1 
ATOM   282 C CB  . ARG A 1 34 ? 9.026   5.167   11.404  1.00 18.49 ? 68  ARG A CB  1 
ATOM   283 C CG  . ARG A 1 34 ? 8.232   4.333   12.405  1.00 18.33 ? 68  ARG A CG  1 
ATOM   284 C CD  . ARG A 1 34 ? 8.715   4.531   13.834  1.00 25.97 ? 68  ARG A CD  1 
ATOM   285 N NE  . ARG A 1 34 ? 10.159  4.367   13.952  1.00 27.32 ? 68  ARG A NE  1 
ATOM   286 C CZ  . ARG A 1 34 ? 10.790  4.072   15.084  1.00 27.34 ? 68  ARG A CZ  1 
ATOM   287 N NH1 . ARG A 1 34 ? 12.110  3.945   15.092  1.00 27.18 ? 68  ARG A NH1 1 
ATOM   288 N NH2 . ARG A 1 34 ? 10.104  3.897   16.205  1.00 20.90 ? 68  ARG A NH2 1 
ATOM   289 N N   . GLU A 1 35 ? 7.209   7.539   10.450  1.00 12.85 ? 69  GLU A N   1 
ATOM   290 C CA  . GLU A 1 35 ? 6.062   8.402   10.722  1.00 15.52 ? 69  GLU A CA  1 
ATOM   291 C C   . GLU A 1 35 ? 5.036   8.362   9.587   1.00 15.64 ? 69  GLU A C   1 
ATOM   292 O O   . GLU A 1 35 ? 3.836   8.256   9.836   1.00 13.58 ? 69  GLU A O   1 
ATOM   293 C CB  . GLU A 1 35 ? 6.486   9.848   11.036  1.00 21.82 ? 69  GLU A CB  1 
ATOM   294 C CG  . GLU A 1 35 ? 6.333   10.831  9.881   1.00 24.57 ? 69  GLU A CG  1 
ATOM   295 C CD  . GLU A 1 35 ? 6.559   12.275  10.301  1.00 34.69 ? 69  GLU A CD  1 
ATOM   296 O OE1 . GLU A 1 35 ? 5.653   12.873  10.920  1.00 35.68 ? 69  GLU A OE1 1 
ATOM   297 O OE2 . GLU A 1 35 ? 7.643   12.817  10.000  1.00 32.31 ? 69  GLU A OE2 1 
ATOM   298 N N   . ASP A 1 36 ? 5.506   8.432   8.345   1.00 13.05 ? 70  ASP A N   1 
ATOM   299 C CA  . ASP A 1 36 ? 4.603   8.455   7.195   1.00 12.79 ? 70  ASP A CA  1 
ATOM   300 C C   . ASP A 1 36 ? 3.918   7.105   6.979   1.00 12.31 ? 70  ASP A C   1 
ATOM   301 O O   . ASP A 1 36 ? 2.737   7.048   6.640   1.00 12.52 ? 70  ASP A O   1 
ATOM   302 C CB  . ASP A 1 36 ? 5.342   8.888   5.923   1.00 15.10 ? 70  ASP A CB  1 
ATOM   303 C CG  . ASP A 1 36 ? 5.705   10.365  5.923   1.00 16.00 ? 70  ASP A CG  1 
ATOM   304 O OD1 . ASP A 1 36 ? 5.212   11.111  6.795   1.00 18.63 ? 70  ASP A OD1 1 
ATOM   305 O OD2 . ASP A 1 36 ? 6.485   10.780  5.040   1.00 13.39 ? 70  ASP A OD2 1 
ATOM   306 N N   . ALA A 1 37 ? 4.665   6.023   7.174   1.00 11.62 ? 71  ALA A N   1 
ATOM   307 C CA  . ALA A 1 37 ? 4.118   4.677   7.027   1.00 12.77 ? 71  ALA A CA  1 
ATOM   308 C C   . ALA A 1 37 ? 3.019   4.431   8.054   1.00 12.16 ? 71  ALA A C   1 
ATOM   309 O O   . ALA A 1 37 ? 1.969   3.872   7.740   1.00 11.61 ? 71  ALA A O   1 
ATOM   310 C CB  . ALA A 1 37 ? 5.220   3.639   7.169   1.00 11.87 ? 71  ALA A CB  1 
ATOM   311 N N   . THR A 1 38 ? 3.276   4.855   9.286   1.00 14.33 ? 72  THR A N   1 
ATOM   312 C CA  . THR A 1 38 ? 2.295   4.760   10.358  1.00 11.22 ? 72  THR A CA  1 
ATOM   313 C C   . THR A 1 38 ? 1.023   5.526   10.006  1.00 13.69 ? 72  THR A C   1 
ATOM   314 O O   . THR A 1 38 ? -0.077  4.979   10.070  1.00 14.30 ? 72  THR A O   1 
ATOM   315 C CB  . THR A 1 38 ? 2.876   5.290   11.684  1.00 15.17 ? 72  THR A CB  1 
ATOM   316 O OG1 . THR A 1 38 ? 3.915   4.411   12.136  1.00 16.98 ? 72  THR A OG1 1 
ATOM   317 C CG2 . THR A 1 38 ? 1.796   5.377   12.747  1.00 12.52 ? 72  THR A CG2 1 
ATOM   318 N N   . ARG A 1 39 ? 1.180   6.793   9.631   1.00 12.30 ? 73  ARG A N   1 
ATOM   319 C CA  . ARG A 1 39 ? 0.046   7.626   9.248   1.00 13.78 ? 73  ARG A CA  1 
ATOM   320 C C   . ARG A 1 39 ? -0.828  6.924   8.214   1.00 14.22 ? 73  ARG A C   1 
ATOM   321 O O   . ARG A 1 39 ? -2.036  6.782   8.399   1.00 13.97 ? 73  ARG A O   1 
ATOM   322 C CB  . ARG A 1 39 ? 0.525   8.975   8.700   1.00 17.23 ? 73  ARG A CB  1 
ATOM   323 C CG  . ARG A 1 39 ? -0.595  9.893   8.231   1.00 19.44 ? 73  ARG A CG  1 
ATOM   324 C CD  . ARG A 1 39 ? -0.066  11.254  7.802   1.00 23.03 ? 73  ARG A CD  1 
ATOM   325 N NE  . ARG A 1 39 ? 1.160   11.145  7.014   1.00 27.97 ? 73  ARG A NE  1 
ATOM   326 C CZ  . ARG A 1 39 ? 1.206   10.716  5.758   1.00 25.89 ? 73  ARG A CZ  1 
ATOM   327 N NH1 . ARG A 1 39 ? 0.094   10.343  5.138   1.00 24.50 ? 73  ARG A NH1 1 
ATOM   328 N NH2 . ARG A 1 39 ? 2.368   10.651  5.121   1.00 19.23 ? 73  ARG A NH2 1 
ATOM   329 N N   . ILE A 1 40 ? -0.205  6.483   7.128   1.00 11.29 ? 74  ILE A N   1 
ATOM   330 C CA  . ILE A 1 40 ? -0.929  5.842   6.037   1.00 9.82  ? 74  ILE A CA  1 
ATOM   331 C C   . ILE A 1 40 ? -1.602  4.550   6.491   1.00 8.78  ? 74  ILE A C   1 
ATOM   332 O O   . ILE A 1 40 ? -2.738  4.266   6.112   1.00 10.56 ? 74  ILE A O   1 
ATOM   333 C CB  . ILE A 1 40 ? -0.001  5.552   4.842   1.00 11.64 ? 74  ILE A CB  1 
ATOM   334 C CG1 . ILE A 1 40 ? 0.601   6.855   4.313   1.00 13.24 ? 74  ILE A CG1 1 
ATOM   335 C CG2 . ILE A 1 40 ? -0.760  4.826   3.742   1.00 11.57 ? 74  ILE A CG2 1 
ATOM   336 C CD1 . ILE A 1 40 ? 1.629   6.657   3.220   1.00 12.16 ? 74  ILE A CD1 1 
ATOM   337 N N   . MET A 1 41 ? -0.898  3.776   7.310   1.00 9.90  ? 75  MET A N   1 
ATOM   338 C CA  . MET A 1 41 ? -1.435  2.524   7.832   1.00 9.93  ? 75  MET A CA  1 
ATOM   339 C C   . MET A 1 41 ? -2.707  2.767   8.638   1.00 11.26 ? 75  MET A C   1 
ATOM   340 O O   . MET A 1 41 ? -3.708  2.076   8.459   1.00 11.28 ? 75  MET A O   1 
ATOM   341 C CB  . MET A 1 41 ? -0.386  1.805   8.687   1.00 10.63 ? 75  MET A CB  1 
ATOM   342 C CG  . MET A 1 41 ? -0.862  0.499   9.309   1.00 11.21 ? 75  MET A CG  1 
ATOM   343 S SD  . MET A 1 41 ? -1.731  0.719   10.876  1.00 10.07 ? 75  MET A SD  1 
ATOM   344 C CE  . MET A 1 41 ? -0.429  1.410   11.894  1.00 10.31 ? 75  MET A CE  1 
ATOM   345 N N   . LEU A 1 42 ? -2.661  3.757   9.525   1.00 12.12 ? 76  LEU A N   1 
ATOM   346 C CA  . LEU A 1 42 ? -3.816  4.095   10.350  1.00 13.55 ? 76  LEU A CA  1 
ATOM   347 C C   . LEU A 1 42 ? -4.966  4.632   9.504   1.00 14.94 ? 76  LEU A C   1 
ATOM   348 O O   . LEU A 1 42 ? -6.135  4.436   9.835   1.00 15.51 ? 76  LEU A O   1 
ATOM   349 C CB  . LEU A 1 42 ? -3.430  5.101   11.438  1.00 13.10 ? 76  LEU A CB  1 
ATOM   350 C CG  . LEU A 1 42 ? -2.535  4.553   12.553  1.00 12.45 ? 76  LEU A CG  1 
ATOM   351 C CD1 . LEU A 1 42 ? -2.061  5.667   13.476  1.00 10.65 ? 76  LEU A CD1 1 
ATOM   352 C CD2 . LEU A 1 42 ? -3.262  3.470   13.340  1.00 10.49 ? 76  LEU A CD2 1 
ATOM   353 N N   . HIS A 1 43 ? -4.629  5.308   8.410   1.00 13.12 ? 77  HIS A N   1 
ATOM   354 C CA  . HIS A 1 43 ? -5.641  5.814   7.490   1.00 14.95 ? 77  HIS A CA  1 
ATOM   355 C C   . HIS A 1 43 ? -6.354  4.650   6.809   1.00 14.45 ? 77  HIS A C   1 
ATOM   356 O O   . HIS A 1 43 ? -7.564  4.693   6.589   1.00 15.06 ? 77  HIS A O   1 
ATOM   357 C CB  . HIS A 1 43 ? -5.010  6.738   6.448   1.00 18.36 ? 77  HIS A CB  1 
ATOM   358 C CG  . HIS A 1 43 ? -6.008  7.472   5.610   1.00 20.71 ? 77  HIS A CG  1 
ATOM   359 N ND1 . HIS A 1 43 ? -6.515  8.704   5.965   1.00 18.43 ? 77  HIS A ND1 1 
ATOM   360 C CD2 . HIS A 1 43 ? -6.596  7.149   4.434   1.00 18.95 ? 77  HIS A CD2 1 
ATOM   361 C CE1 . HIS A 1 43 ? -7.373  9.108   5.043   1.00 19.62 ? 77  HIS A CE1 1 
ATOM   362 N NE2 . HIS A 1 43 ? -7.440  8.180   4.105   1.00 19.16 ? 77  HIS A NE2 1 
ATOM   363 N N   . VAL A 1 44 ? -5.595  3.611   6.477   1.00 12.34 ? 78  VAL A N   1 
ATOM   364 C CA  . VAL A 1 44 ? -6.166  2.396   5.909   1.00 12.01 ? 78  VAL A CA  1 
ATOM   365 C C   . VAL A 1 44 ? -7.095  1.728   6.917   1.00 10.46 ? 78  VAL A C   1 
ATOM   366 O O   . VAL A 1 44 ? -8.224  1.361   6.593   1.00 10.43 ? 78  VAL A O   1 
ATOM   367 C CB  . VAL A 1 44 ? -5.067  1.392   5.508   1.00 9.78  ? 78  VAL A CB  1 
ATOM   368 C CG1 . VAL A 1 44 ? -5.689  0.075   5.063   1.00 9.60  ? 78  VAL A CG1 1 
ATOM   369 C CG2 . VAL A 1 44 ? -4.186  1.973   4.413   1.00 11.31 ? 78  VAL A CG2 1 
ATOM   370 N N   . HIS A 1 45 ? -6.607  1.578   8.144   1.00 11.55 ? 79  HIS A N   1 
ATOM   371 C CA  . HIS A 1 45 ? -7.357  0.908   9.200   1.00 14.01 ? 79  HIS A CA  1 
ATOM   372 C C   . HIS A 1 45 ? -8.649  1.640   9.550   1.00 12.53 ? 79  HIS A C   1 
ATOM   373 O O   . HIS A 1 45 ? -9.668  1.012   9.838   1.00 14.98 ? 79  HIS A O   1 
ATOM   374 C CB  . HIS A 1 45 ? -6.486  0.756   10.450  1.00 15.05 ? 79  HIS A CB  1 
ATOM   375 C CG  . HIS A 1 45 ? -7.195  0.133   11.611  1.00 16.17 ? 79  HIS A CG  1 
ATOM   376 N ND1 . HIS A 1 45 ? -7.300  -1.231  11.774  1.00 14.75 ? 79  HIS A ND1 1 
ATOM   377 C CD2 . HIS A 1 45 ? -7.830  0.688   12.671  1.00 14.69 ? 79  HIS A CD2 1 
ATOM   378 C CE1 . HIS A 1 45 ? -7.971  -1.491  12.881  1.00 16.99 ? 79  HIS A CE1 1 
ATOM   379 N NE2 . HIS A 1 45 ? -8.304  -0.343  13.444  1.00 14.26 ? 79  HIS A NE2 1 
ATOM   380 N N   . GLN A 1 46 ? -8.604  2.967   9.518   1.00 12.60 ? 80  GLN A N   1 
ATOM   381 C CA  . GLN A 1 46 ? -9.739  3.779   9.949   1.00 17.43 ? 80  GLN A CA  1 
ATOM   382 C C   . GLN A 1 46 ? -10.668 4.184   8.806   1.00 19.56 ? 80  GLN A C   1 
ATOM   383 O O   . GLN A 1 46 ? -11.888 4.200   8.966   1.00 18.90 ? 80  GLN A O   1 
ATOM   384 C CB  . GLN A 1 46 ? -9.252  5.024   10.695  1.00 16.54 ? 80  GLN A CB  1 
ATOM   385 C CG  . GLN A 1 46 ? -8.667  4.730   12.067  1.00 19.64 ? 80  GLN A CG  1 
ATOM   386 C CD  . GLN A 1 46 ? -8.133  5.971   12.750  1.00 22.58 ? 80  GLN A CD  1 
ATOM   387 O OE1 . GLN A 1 46 ? -7.242  6.642   12.234  0.79 21.46 ? 80  GLN A OE1 1 
ATOM   388 N NE2 . GLN A 1 46 ? -8.671  6.280   13.924  1.00 24.32 ? 80  GLN A NE2 1 
ATOM   389 N N   . ASN A 1 47 ? -10.088 4.511   7.656   1.00 14.39 ? 81  ASN A N   1 
ATOM   390 C CA  . ASN A 1 47 ? -10.865 5.001   6.520   1.00 16.84 ? 81  ASN A CA  1 
ATOM   391 C C   . ASN A 1 47 ? -11.169 3.935   5.469   1.00 13.41 ? 81  ASN A C   1 
ATOM   392 O O   . ASN A 1 47 ? -12.009 4.141   4.594   1.00 16.33 ? 81  ASN A O   1 
ATOM   393 C CB  . ASN A 1 47 ? -10.169 6.202   5.875   1.00 16.84 ? 81  ASN A CB  1 
ATOM   394 C CG  . ASN A 1 47 ? -10.136 7.414   6.786   1.00 22.69 ? 81  ASN A CG  1 
ATOM   395 O OD1 . ASN A 1 47 ? -9.068  7.876   7.184   1.00 30.11 ? 81  ASN A OD1 1 
ATOM   396 N ND2 . ASN A 1 47 ? -11.311 7.928   7.129   1.00 23.75 ? 81  ASN A ND2 1 
ATOM   397 N N   . GLY A 1 48 ? -10.482 2.800   5.556   1.00 13.57 ? 82  GLY A N   1 
ATOM   398 C CA  . GLY A 1 48 ? -10.740 1.686   4.660   1.00 11.50 ? 82  GLY A CA  1 
ATOM   399 C C   . GLY A 1 48 ? -9.832  1.640   3.445   1.00 11.91 ? 82  GLY A C   1 
ATOM   400 O O   . GLY A 1 48 ? -9.781  0.633   2.740   1.00 12.06 ? 82  GLY A O   1 
ATOM   401 N N   . VAL A 1 49 ? -9.118  2.733   3.199   1.00 11.21 ? 83  VAL A N   1 
ATOM   402 C CA  . VAL A 1 49 ? -8.198  2.818   2.070   1.00 11.43 ? 83  VAL A CA  1 
ATOM   403 C C   . VAL A 1 49 ? -7.140  3.886   2.330   1.00 12.45 ? 83  VAL A C   1 
ATOM   404 O O   . VAL A 1 49 ? -7.400  4.865   3.027   1.00 13.72 ? 83  VAL A O   1 
ATOM   405 C CB  . VAL A 1 49 ? -8.948  3.126   0.753   1.00 17.28 ? 83  VAL A CB  1 
ATOM   406 C CG1 . VAL A 1 49 ? -9.872  4.319   0.932   1.00 16.34 ? 83  VAL A CG1 1 
ATOM   407 C CG2 . VAL A 1 49 ? -7.966  3.364   -0.386  1.00 14.55 ? 83  VAL A CG2 1 
ATOM   408 N N   . GLY A 1 50 ? -5.945  3.688   1.780   1.00 11.57 ? 84  GLY A N   1 
ATOM   409 C CA  . GLY A 1 50 ? -4.860  4.636   1.959   1.00 13.61 ? 84  GLY A CA  1 
ATOM   410 C C   . GLY A 1 50 ? -3.978  4.763   0.733   1.00 12.07 ? 84  GLY A C   1 
ATOM   411 O O   . GLY A 1 50 ? -3.695  3.775   0.055   1.00 11.63 ? 84  GLY A O   1 
ATOM   412 N N   . VAL A 1 51 ? -3.543  5.986   0.446   1.00 12.64 ? 85  VAL A N   1 
ATOM   413 C CA  . VAL A 1 51 ? -2.681  6.243   -0.704  1.00 11.82 ? 85  VAL A CA  1 
ATOM   414 C C   . VAL A 1 51 ? -1.215  6.029   -0.345  1.00 11.28 ? 85  VAL A C   1 
ATOM   415 O O   . VAL A 1 51 ? -0.673  6.709   0.527   1.00 13.24 ? 85  VAL A O   1 
ATOM   416 C CB  . VAL A 1 51 ? -2.877  7.671   -1.248  1.00 10.78 ? 85  VAL A CB  1 
ATOM   417 C CG1 . VAL A 1 51 ? -2.004  7.896   -2.473  1.00 12.80 ? 85  VAL A CG1 1 
ATOM   418 C CG2 . VAL A 1 51 ? -4.341  7.913   -1.579  1.00 15.66 ? 85  VAL A CG2 1 
ATOM   419 N N   . CYS A 1 52 ? -0.577  5.079   -1.024  1.00 7.62  ? 86  CYS A N   1 
ATOM   420 C CA  . CYS A 1 52 ? 0.802   4.713   -0.727  1.00 10.63 ? 86  CYS A CA  1 
ATOM   421 C C   . CYS A 1 52 ? 1.805   5.628   -1.418  1.00 10.34 ? 86  CYS A C   1 
ATOM   422 O O   . CYS A 1 52 ? 2.927   5.802   -0.943  1.00 11.77 ? 86  CYS A O   1 
ATOM   423 C CB  . CYS A 1 52 ? 1.064   3.262   -1.132  1.00 10.58 ? 86  CYS A CB  1 
ATOM   424 S SG  . CYS A 1 52 ? -0.050  2.066   -0.370  1.00 9.92  ? 86  CYS A SG  1 
ATOM   425 N N   . GLY A 1 53 ? 1.401   6.204   -2.545  1.00 9.07  ? 87  GLY A N   1 
ATOM   426 C CA  . GLY A 1 53 ? 2.266   7.092   -3.298  1.00 9.72  ? 87  GLY A CA  1 
ATOM   427 C C   . GLY A 1 53 ? 1.842   7.216   -4.746  1.00 9.82  ? 87  GLY A C   1 
ATOM   428 O O   . GLY A 1 53 ? 0.901   6.555   -5.185  1.00 10.03 ? 87  GLY A O   1 
ATOM   429 N N   . VAL A 1 54 ? 2.538   8.070   -5.489  1.00 8.84  ? 88  VAL A N   1 
ATOM   430 C CA  . VAL A 1 54 ? 2.255   8.269   -6.905  1.00 8.21  ? 88  VAL A CA  1 
ATOM   431 C C   . VAL A 1 54 ? 3.513   8.030   -7.731  1.00 8.74  ? 88  VAL A C   1 
ATOM   432 O O   . VAL A 1 54 ? 4.553   8.636   -7.480  1.00 7.12  ? 88  VAL A O   1 
ATOM   433 C CB  . VAL A 1 54 ? 1.729   9.689   -7.181  1.00 6.69  ? 88  VAL A CB  1 
ATOM   434 C CG1 . VAL A 1 54 ? 1.585   9.921   -8.676  1.00 8.88  ? 88  VAL A CG1 1 
ATOM   435 C CG2 . VAL A 1 54 ? 0.403   9.913   -6.469  1.00 10.61 ? 88  VAL A CG2 1 
ATOM   436 N N   . TYR A 1 55 ? 3.413   7.144   -8.719  1.00 6.88  ? 89  TYR A N   1 
ATOM   437 C CA  . TYR A 1 55 ? 4.567   6.770   -9.528  1.00 7.08  ? 89  TYR A CA  1 
ATOM   438 C C   . TYR A 1 55 ? 4.195   6.629   -10.999 1.00 7.80  ? 89  TYR A C   1 
ATOM   439 O O   . TYR A 1 55 ? 3.028   6.745   -11.369 1.00 6.21  ? 89  TYR A O   1 
ATOM   440 C CB  . TYR A 1 55 ? 5.156   5.451   -9.026  1.00 8.92  ? 89  TYR A CB  1 
ATOM   441 C CG  . TYR A 1 55 ? 5.285   5.368   -7.522  1.00 10.59 ? 89  TYR A CG  1 
ATOM   442 C CD1 . TYR A 1 55 ? 6.453   5.759   -6.882  1.00 9.85  ? 89  TYR A CD1 1 
ATOM   443 C CD2 . TYR A 1 55 ? 4.236   4.898   -6.742  1.00 8.96  ? 89  TYR A CD2 1 
ATOM   444 C CE1 . TYR A 1 55 ? 6.572   5.686   -5.507  1.00 10.39 ? 89  TYR A CE1 1 
ATOM   445 C CE2 . TYR A 1 55 ? 4.346   4.822   -5.366  1.00 10.08 ? 89  TYR A CE2 1 
ATOM   446 C CZ  . TYR A 1 55 ? 5.516   5.217   -4.755  1.00 9.01  ? 89  TYR A CZ  1 
ATOM   447 O OH  . TYR A 1 55 ? 5.630   5.142   -3.386  1.00 10.66 ? 89  TYR A OH  1 
ATOM   448 N N   . THR A 1 56 ? 5.197   6.379   -11.835 1.00 6.34  ? 90  THR A N   1 
ATOM   449 C CA  . THR A 1 56 ? 4.951   6.083   -13.239 1.00 7.52  ? 90  THR A CA  1 
ATOM   450 C C   . THR A 1 56 ? 4.168   4.779   -13.331 1.00 7.29  ? 90  THR A C   1 
ATOM   451 O O   . THR A 1 56 ? 4.113   4.016   -12.366 1.00 6.11  ? 90  THR A O   1 
ATOM   452 C CB  . THR A 1 56 ? 6.262   5.935   -14.026 1.00 8.52  ? 90  THR A CB  1 
ATOM   453 O OG1 . THR A 1 56 ? 7.000   4.813   -13.523 1.00 8.61  ? 90  THR A OG1 1 
ATOM   454 C CG2 . THR A 1 56 ? 7.105   7.193   -13.897 1.00 8.09  ? 90  THR A CG2 1 
ATOM   455 N N   . TYR A 1 57 ? 3.563   4.524   -14.485 1.00 5.74  ? 91  TYR A N   1 
ATOM   456 C CA  . TYR A 1 57 ? 2.778   3.308   -14.662 1.00 7.90  ? 91  TYR A CA  1 
ATOM   457 C C   . TYR A 1 57 ? 3.606   2.059   -14.363 1.00 5.55  ? 91  TYR A C   1 
ATOM   458 O O   . TYR A 1 57 ? 3.168   1.180   -13.621 1.00 8.14  ? 91  TYR A O   1 
ATOM   459 C CB  . TYR A 1 57 ? 2.189   3.226   -16.072 1.00 7.39  ? 91  TYR A CB  1 
ATOM   460 C CG  . TYR A 1 57 ? 1.095   2.190   -16.193 1.00 7.87  ? 91  TYR A CG  1 
ATOM   461 C CD1 . TYR A 1 57 ? -0.235  2.565   -16.335 1.00 8.20  ? 91  TYR A CD1 1 
ATOM   462 C CD2 . TYR A 1 57 ? 1.390   0.834   -16.139 1.00 6.72  ? 91  TYR A CD2 1 
ATOM   463 C CE1 . TYR A 1 57 ? -1.237  1.618   -16.436 1.00 8.06  ? 91  TYR A CE1 1 
ATOM   464 C CE2 . TYR A 1 57 ? 0.395   -0.117  -16.235 1.00 6.61  ? 91  TYR A CE2 1 
ATOM   465 C CZ  . TYR A 1 57 ? -0.915  0.279   -16.385 1.00 9.84  ? 91  TYR A CZ  1 
ATOM   466 O OH  . TYR A 1 57 ? -1.904  -0.673  -16.482 1.00 10.80 ? 91  TYR A OH  1 
ATOM   467 N N   . GLU A 1 58 ? 4.801   1.986   -14.942 1.00 6.77  ? 92  GLU A N   1 
ATOM   468 C CA  . GLU A 1 58 ? 5.677   0.834   -14.754 1.00 8.36  ? 92  GLU A CA  1 
ATOM   469 C C   . GLU A 1 58 ? 5.972   0.582   -13.278 1.00 7.82  ? 92  GLU A C   1 
ATOM   470 O O   . GLU A 1 58 ? 5.827   -0.537  -12.788 1.00 8.37  ? 92  GLU A O   1 
ATOM   471 C CB  . GLU A 1 58 ? 6.991   1.030   -15.511 1.00 7.49  ? 92  GLU A CB  1 
ATOM   472 C CG  . GLU A 1 58 ? 6.823   1.245   -17.004 1.00 10.06 ? 92  GLU A CG  1 
ATOM   473 C CD  . GLU A 1 58 ? 8.113   1.671   -17.675 1.00 11.68 ? 92  GLU A CD  1 
ATOM   474 O OE1 . GLU A 1 58 ? 9.082   0.885   -17.662 1.00 13.33 ? 92  GLU A OE1 1 
ATOM   475 O OE2 . GLU A 1 58 ? 8.155   2.793   -18.219 1.00 16.10 ? 92  GLU A OE2 1 
ATOM   476 N N   . VAL A 1 59 ? 6.388   1.631   -12.577 1.00 5.85  ? 93  VAL A N   1 
ATOM   477 C CA  . VAL A 1 59 ? 6.741   1.521   -11.167 1.00 6.30  ? 93  VAL A CA  1 
ATOM   478 C C   . VAL A 1 59 ? 5.534   1.137   -10.312 1.00 8.35  ? 93  VAL A C   1 
ATOM   479 O O   . VAL A 1 59 ? 5.638   0.297   -9.419  1.00 7.54  ? 93  VAL A O   1 
ATOM   480 C CB  . VAL A 1 59 ? 7.364   2.828   -10.641 1.00 8.51  ? 93  VAL A CB  1 
ATOM   481 C CG1 . VAL A 1 59 ? 7.572   2.755   -9.138  1.00 9.88  ? 93  VAL A CG1 1 
ATOM   482 C CG2 . VAL A 1 59 ? 8.680   3.107   -11.353 1.00 7.89  ? 93  VAL A CG2 1 
ATOM   483 N N   . ALA A 1 60 ? 4.390   1.751   -10.595 1.00 6.16  ? 94  ALA A N   1 
ATOM   484 C CA  . ALA A 1 60 ? 3.163   1.450   -9.868  1.00 7.81  ? 94  ALA A CA  1 
ATOM   485 C C   . ALA A 1 60 ? 2.778   -0.015  -10.048 1.00 8.85  ? 94  ALA A C   1 
ATOM   486 O O   . ALA A 1 60 ? 2.479   -0.712  -9.079  1.00 6.64  ? 94  ALA A O   1 
ATOM   487 C CB  . ALA A 1 60 ? 2.034   2.359   -10.329 1.00 6.60  ? 94  ALA A CB  1 
ATOM   488 N N   . GLU A 1 61 ? 2.792   -0.473  -11.295 1.00 6.35  ? 95  GLU A N   1 
ATOM   489 C CA  . GLU A 1 61 ? 2.491   -1.866  -11.605 1.00 6.57  ? 95  GLU A CA  1 
ATOM   490 C C   . GLU A 1 61 ? 3.432   -2.805  -10.857 1.00 5.98  ? 95  GLU A C   1 
ATOM   491 O O   . GLU A 1 61 ? 3.014   -3.846  -10.351 1.00 5.79  ? 95  GLU A O   1 
ATOM   492 C CB  . GLU A 1 61 ? 2.577   -2.105  -13.116 1.00 7.17  ? 95  GLU A CB  1 
ATOM   493 C CG  . GLU A 1 61 ? 2.471   -3.563  -13.530 1.00 7.86  ? 95  GLU A CG  1 
ATOM   494 C CD  . GLU A 1 61 ? 2.228   -3.729  -15.019 1.00 7.81  ? 95  GLU A CD  1 
ATOM   495 O OE1 . GLU A 1 61 ? 1.071   -3.560  -15.458 1.00 8.26  ? 95  GLU A OE1 1 
ATOM   496 O OE2 . GLU A 1 61 ? 3.191   -4.035  -15.751 1.00 8.38  ? 95  GLU A OE2 1 
ATOM   497 N N   . THR A 1 62 ? 4.702   -2.424  -10.780 1.00 8.27  ? 96  THR A N   1 
ATOM   498 C CA  . THR A 1 62 ? 5.699   -3.219  -10.072 1.00 8.03  ? 96  THR A CA  1 
ATOM   499 C C   . THR A 1 62 ? 5.414   -3.278  -8.574  1.00 7.43  ? 96  THR A C   1 
ATOM   500 O O   . THR A 1 62 ? 5.373   -4.357  -7.985  1.00 7.74  ? 96  THR A O   1 
ATOM   501 C CB  . THR A 1 62 ? 7.121   -2.668  -10.292 1.00 8.97  ? 96  THR A CB  1 
ATOM   502 O OG1 . THR A 1 62 ? 7.492   -2.828  -11.666 1.00 9.56  ? 96  THR A OG1 1 
ATOM   503 C CG2 . THR A 1 62 ? 8.121   -3.407  -9.414  1.00 11.61 ? 96  THR A CG2 1 
ATOM   504 N N   . LYS A 1 63 ? 5.216   -2.114  -7.963  1.00 6.45  ? 97  LYS A N   1 
ATOM   505 C CA  . LYS A 1 63 ? 5.009   -2.036  -6.521  1.00 6.54  ? 97  LYS A CA  1 
ATOM   506 C C   . LYS A 1 63 ? 3.726   -2.734  -6.075  1.00 6.91  ? 97  LYS A C   1 
ATOM   507 O O   . LYS A 1 63 ? 3.706   -3.400  -5.042  1.00 7.07  ? 97  LYS A O   1 
ATOM   508 C CB  . LYS A 1 63 ? 5.031   -0.580  -6.046  1.00 7.03  ? 97  LYS A CB  1 
ATOM   509 C CG  . LYS A 1 63 ? 6.381   0.098   -6.230  1.00 8.64  ? 97  LYS A CG  1 
ATOM   510 C CD  . LYS A 1 63 ? 6.402   1.488   -5.620  1.00 8.78  ? 97  LYS A CD  1 
ATOM   511 C CE  . LYS A 1 63 ? 7.784   2.117   -5.727  1.00 10.39 ? 97  LYS A CE  1 
ATOM   512 N NZ  . LYS A 1 63 ? 8.835   1.274   -5.091  1.00 9.73  ? 97  LYS A NZ  1 
ATOM   513 N N   . VAL A 1 64 ? 2.660   -2.586  -6.855  1.00 6.43  ? 98  VAL A N   1 
ATOM   514 C CA  . VAL A 1 64 ? 1.411   -3.277  -6.554  1.00 7.41  ? 98  VAL A CA  1 
ATOM   515 C C   . VAL A 1 64 ? 1.641   -4.783  -6.500  1.00 6.48  ? 98  VAL A C   1 
ATOM   516 O O   . VAL A 1 64 ? 1.187   -5.457  -5.577  1.00 7.64  ? 98  VAL A O   1 
ATOM   517 C CB  . VAL A 1 64 ? 0.310   -2.959  -7.584  1.00 8.24  ? 98  VAL A CB  1 
ATOM   518 C CG1 . VAL A 1 64 ? -0.867  -3.908  -7.413  1.00 7.17  ? 98  VAL A CG1 1 
ATOM   519 C CG2 . VAL A 1 64 ? -0.143  -1.512  -7.448  1.00 8.34  ? 98  VAL A CG2 1 
ATOM   520 N N   . ALA A 1 65 ? 2.355   -5.304  -7.494  1.00 6.42  ? 99  ALA A N   1 
ATOM   521 C CA  . ALA A 1 65 ? 2.679   -6.726  -7.543  1.00 8.96  ? 99  ALA A CA  1 
ATOM   522 C C   . ALA A 1 65 ? 3.531   -7.134  -6.344  1.00 8.32  ? 99  ALA A C   1 
ATOM   523 O O   . ALA A 1 65 ? 3.294   -8.173  -5.728  1.00 7.79  ? 99  ALA A O   1 
ATOM   524 C CB  . ALA A 1 65 ? 3.388   -7.066  -8.845  1.00 6.61  ? 99  ALA A CB  1 
ATOM   525 N N   . GLN A 1 66 ? 4.522   -6.312  -6.017  1.00 7.55  ? 100 GLN A N   1 
ATOM   526 C CA  . GLN A 1 66 ? 5.376   -6.570  -4.862  1.00 10.20 ? 100 GLN A CA  1 
ATOM   527 C C   . GLN A 1 66 ? 4.555   -6.690  -3.583  1.00 7.92  ? 100 GLN A C   1 
ATOM   528 O O   . GLN A 1 66 ? 4.763   -7.602  -2.784  1.00 6.54  ? 100 GLN A O   1 
ATOM   529 C CB  . GLN A 1 66 ? 6.416   -5.461  -4.700  1.00 8.28  ? 100 GLN A CB  1 
ATOM   530 C CG  . GLN A 1 66 ? 7.627   -5.594  -5.605  1.00 9.84  ? 100 GLN A CG  1 
ATOM   531 C CD  . GLN A 1 66 ? 8.561   -4.406  -5.489  1.00 11.06 ? 100 GLN A CD  1 
ATOM   532 O OE1 . GLN A 1 66 ? 8.154   -3.261  -5.689  1.00 8.58  ? 100 GLN A OE1 1 
ATOM   533 N NE2 . GLN A 1 66 ? 9.820   -4.671  -5.164  1.00 12.73 ? 100 GLN A NE2 1 
ATOM   534 N N   . VAL A 1 67 ? 3.622   -5.762  -3.395  1.00 6.07  ? 101 VAL A N   1 
ATOM   535 C CA  . VAL A 1 67 ? 2.802   -5.729  -2.190  1.00 6.79  ? 101 VAL A CA  1 
ATOM   536 C C   . VAL A 1 67 ? 1.942   -6.979  -2.034  1.00 7.95  ? 101 VAL A C   1 
ATOM   537 O O   . VAL A 1 67 ? 1.928   -7.601  -0.971  1.00 8.37  ? 101 VAL A O   1 
ATOM   538 C CB  . VAL A 1 67 ? 1.895   -4.482  -2.154  1.00 8.85  ? 101 VAL A CB  1 
ATOM   539 C CG1 . VAL A 1 67 ? 0.922   -4.568  -0.988  1.00 7.82  ? 101 VAL A CG1 1 
ATOM   540 C CG2 . VAL A 1 67 ? 2.735   -3.220  -2.059  1.00 7.55  ? 101 VAL A CG2 1 
ATOM   541 N N   . ILE A 1 68 ? 1.227   -7.348  -3.092  1.00 6.54  ? 102 ILE A N   1 
ATOM   542 C CA  . ILE A 1 68 ? 0.327   -8.495  -3.028  1.00 7.66  ? 102 ILE A CA  1 
ATOM   543 C C   . ILE A 1 68 ? 1.091   -9.811  -2.924  1.00 7.31  ? 102 ILE A C   1 
ATOM   544 O O   . ILE A 1 68 ? 0.711   -10.697 -2.160  1.00 8.61  ? 102 ILE A O   1 
ATOM   545 C CB  . ILE A 1 68 ? -0.628  -8.548  -4.233  1.00 6.58  ? 102 ILE A CB  1 
ATOM   546 C CG1 . ILE A 1 68 ? -1.279  -7.183  -4.460  1.00 7.79  ? 102 ILE A CG1 1 
ATOM   547 C CG2 . ILE A 1 68 ? -1.694  -9.608  -4.012  1.00 7.26  ? 102 ILE A CG2 1 
ATOM   548 C CD1 . ILE A 1 68 ? -2.287  -7.172  -5.588  1.00 6.45  ? 102 ILE A CD1 1 
ATOM   549 N N   . ASP A 1 69 ? 2.167   -9.939  -3.697  1.00 8.81  ? 103 ASP A N   1 
ATOM   550 C CA  . ASP A 1 69 ? 3.011   -11.125 -3.621  1.00 8.56  ? 103 ASP A CA  1 
ATOM   551 C C   . ASP A 1 69 ? 3.529   -11.292 -2.199  1.00 7.24  ? 103 ASP A C   1 
ATOM   552 O O   . ASP A 1 69 ? 3.489   -12.385 -1.636  1.00 6.38  ? 103 ASP A O   1 
ATOM   553 C CB  . ASP A 1 69 ? 4.185   -11.023 -4.596  1.00 7.99  ? 103 ASP A CB  1 
ATOM   554 C CG  . ASP A 1 69 ? 5.086   -12.243 -4.548  1.00 12.18 ? 103 ASP A CG  1 
ATOM   555 O OD1 . ASP A 1 69 ? 4.590   -13.363 -4.789  1.00 12.94 ? 103 ASP A OD1 1 
ATOM   556 O OD2 . ASP A 1 69 ? 6.294   -12.081 -4.274  1.00 12.98 ? 103 ASP A OD2 1 
ATOM   557 N N   . SER A 1 70 ? 4.013   -10.195 -1.625  1.00 6.92  ? 104 SER A N   1 
ATOM   558 C CA  . SER A 1 70 ? 4.489   -10.192 -0.248  1.00 9.41  ? 104 SER A CA  1 
ATOM   559 C C   . SER A 1 70 ? 3.372   -10.610 0.701   1.00 7.26  ? 104 SER A C   1 
ATOM   560 O O   . SER A 1 70 ? 3.563   -11.472 1.558   1.00 6.54  ? 104 SER A O   1 
ATOM   561 C CB  . SER A 1 70 ? 5.014   -8.807  0.133   1.00 6.76  ? 104 SER A CB  1 
ATOM   562 O OG  . SER A 1 70 ? 5.514   -8.795  1.459   1.00 7.03  ? 104 SER A OG  1 
ATOM   563 N N   . ALA A 1 71 ? 2.202   -9.999  0.536   1.00 7.49  ? 105 ALA A N   1 
ATOM   564 C CA  . ALA A 1 71 ? 1.053   -10.303 1.382   1.00 8.65  ? 105 ALA A CA  1 
ATOM   565 C C   . ALA A 1 71 ? 0.737   -11.796 1.379   1.00 7.00  ? 105 ALA A C   1 
ATOM   566 O O   . ALA A 1 71 ? 0.574   -12.404 2.436   1.00 8.61  ? 105 ALA A O   1 
ATOM   567 C CB  . ALA A 1 71 ? -0.160  -9.496  0.943   1.00 8.14  ? 105 ALA A CB  1 
ATOM   568 N N   . ARG A 1 72 ? 0.659   -12.383 0.190   1.00 7.83  ? 106 ARG A N   1 
ATOM   569 C CA  . ARG A 1 72 ? 0.343   -13.803 0.064   1.00 9.03  ? 106 ARG A CA  1 
ATOM   570 C C   . ARG A 1 72 ? 1.435   -14.688 0.666   1.00 8.51  ? 106 ARG A C   1 
ATOM   571 O O   . ARG A 1 72 ? 1.139   -15.691 1.316   1.00 7.91  ? 106 ARG A O   1 
ATOM   572 C CB  . ARG A 1 72 ? 0.098   -14.179 -1.400  1.00 9.80  ? 106 ARG A CB  1 
ATOM   573 C CG  . ARG A 1 72 ? -1.030  -13.400 -2.064  1.00 7.93  ? 106 ARG A CG  1 
ATOM   574 C CD  . ARG A 1 72 ? -2.347  -13.559 -1.317  1.00 7.26  ? 106 ARG A CD  1 
ATOM   575 N NE  . ARG A 1 72 ? -3.411  -12.771 -1.934  1.00 10.63 ? 106 ARG A NE  1 
ATOM   576 C CZ  . ARG A 1 72 ? -3.735  -11.535 -1.568  1.00 10.21 ? 106 ARG A CZ  1 
ATOM   577 N NH1 . ARG A 1 72 ? -3.083  -10.942 -0.578  1.00 8.62  ? 106 ARG A NH1 1 
ATOM   578 N NH2 . ARG A 1 72 ? -4.716  -10.892 -2.188  1.00 8.90  ? 106 ARG A NH2 1 
ATOM   579 N N   . ARG A 1 73 ? 2.693   -14.315 0.453   1.00 7.60  ? 107 ARG A N   1 
ATOM   580 C CA  . ARG A 1 73 ? 3.810   -15.061 1.027   1.00 8.06  ? 107 ARG A CA  1 
ATOM   581 C C   . ARG A 1 73 ? 3.810   -14.974 2.552   1.00 8.97  ? 107 ARG A C   1 
ATOM   582 O O   . ARG A 1 73 ? 4.341   -15.852 3.233   1.00 7.88  ? 107 ARG A O   1 
ATOM   583 C CB  . ARG A 1 73 ? 5.148   -14.582 0.454   1.00 9.01  ? 107 ARG A CB  1 
ATOM   584 C CG  . ARG A 1 73 ? 5.460   -15.138 -0.930  1.00 7.61  ? 107 ARG A CG  1 
ATOM   585 C CD  . ARG A 1 73 ? 6.874   -14.794 -1.383  1.00 11.08 ? 107 ARG A CD  1 
ATOM   586 N NE  . ARG A 1 73 ? 7.011   -13.392 -1.765  1.00 11.34 ? 107 ARG A NE  1 
ATOM   587 C CZ  . ARG A 1 73 ? 7.589   -12.463 -1.010  1.00 9.16  ? 107 ARG A CZ  1 
ATOM   588 N NH1 . ARG A 1 73 ? 8.093   -12.786 0.173   1.00 6.19  ? 107 ARG A NH1 1 
ATOM   589 N NH2 . ARG A 1 73 ? 7.667   -11.211 -1.440  1.00 6.77  ? 107 ARG A NH2 1 
ATOM   590 N N   . HIS A 1 74 ? 3.206   -13.916 3.081   1.00 5.75  ? 108 HIS A N   1 
ATOM   591 C CA  . HIS A 1 74 ? 3.061   -13.759 4.523   1.00 7.69  ? 108 HIS A CA  1 
ATOM   592 C C   . HIS A 1 74 ? 1.704   -14.287 4.980   1.00 8.73  ? 108 HIS A C   1 
ATOM   593 O O   . HIS A 1 74 ? 1.344   -14.183 6.153   1.00 6.85  ? 108 HIS A O   1 
ATOM   594 C CB  . HIS A 1 74 ? 3.229   -12.291 4.923   1.00 7.39  ? 108 HIS A CB  1 
ATOM   595 C CG  . HIS A 1 74 ? 4.640   -11.801 4.830   1.00 7.54  ? 108 HIS A CG  1 
ATOM   596 N ND1 . HIS A 1 74 ? 5.281   -11.598 3.627   1.00 8.02  ? 108 HIS A ND1 1 
ATOM   597 C CD2 . HIS A 1 74 ? 5.534   -11.473 5.792   1.00 7.02  ? 108 HIS A CD2 1 
ATOM   598 C CE1 . HIS A 1 74 ? 6.508   -11.166 3.851   1.00 9.14  ? 108 HIS A CE1 1 
ATOM   599 N NE2 . HIS A 1 74 ? 6.688   -11.080 5.158   1.00 8.88  ? 108 HIS A NE2 1 
ATOM   600 N N   . GLN A 1 75 ? 0.960   -14.853 4.033   1.00 7.00  ? 109 GLN A N   1 
ATOM   601 C CA  . GLN A 1 75 ? -0.344  -15.459 4.299   1.00 9.08  ? 109 GLN A CA  1 
ATOM   602 C C   . GLN A 1 75 ? -1.377  -14.461 4.829   1.00 12.91 ? 109 GLN A C   1 
ATOM   603 O O   . GLN A 1 75 ? -2.170  -14.784 5.715   1.00 11.78 ? 109 GLN A O   1 
ATOM   604 C CB  . GLN A 1 75 ? -0.203  -16.661 5.238   1.00 13.79 ? 109 GLN A CB  1 
ATOM   605 C CG  . GLN A 1 75 ? 0.695   -17.770 4.693   1.00 11.88 ? 109 GLN A CG  1 
ATOM   606 C CD  . GLN A 1 75 ? 0.053   -18.550 3.558   1.00 17.24 ? 109 GLN A CD  1 
ATOM   607 O OE1 . GLN A 1 75 ? -0.907  -19.292 3.764   1.00 19.71 ? 109 GLN A OE1 1 
ATOM   608 N NE2 . GLN A 1 75 ? 0.594   -18.397 2.355   1.00 24.16 ? 109 GLN A NE2 1 
ATOM   609 N N   . HIS A 1 76 ? -1.360  -13.250 4.276   1.00 9.14  ? 110 HIS A N   1 
ATOM   610 C CA  . HIS A 1 76 ? -2.366  -12.237 4.583   1.00 7.98  ? 110 HIS A CA  1 
ATOM   611 C C   . HIS A 1 76 ? -3.215  -11.955 3.346   1.00 9.16  ? 110 HIS A C   1 
ATOM   612 O O   . HIS A 1 76 ? -2.734  -12.090 2.221   1.00 8.81  ? 110 HIS A O   1 
ATOM   613 C CB  . HIS A 1 76 ? -1.711  -10.938 5.062   1.00 6.77  ? 110 HIS A CB  1 
ATOM   614 C CG  . HIS A 1 76 ? -0.695  -11.131 6.146   1.00 7.93  ? 110 HIS A CG  1 
ATOM   615 N ND1 . HIS A 1 76 ? -0.982  -11.763 7.335   1.00 9.54  ? 110 HIS A ND1 1 
ATOM   616 C CD2 . HIS A 1 76 ? 0.604   -10.754 6.223   1.00 8.59  ? 110 HIS A CD2 1 
ATOM   617 C CE1 . HIS A 1 76 ? 0.099   -11.780 8.095   1.00 11.60 ? 110 HIS A CE1 1 
ATOM   618 N NE2 . HIS A 1 76 ? 1.075   -11.173 7.445   1.00 8.53  ? 110 HIS A NE2 1 
ATOM   619 N N   . PRO A 1 77 ? -4.482  -11.561 3.552   1.00 8.79  ? 111 PRO A N   1 
ATOM   620 C CA  . PRO A 1 77 ? -5.432  -11.296 2.466   1.00 9.45  ? 111 PRO A CA  1 
ATOM   621 C C   . PRO A 1 77 ? -5.358  -9.865  1.933   1.00 7.16  ? 111 PRO A C   1 
ATOM   622 O O   . PRO A 1 77 ? -6.268  -9.440  1.221   1.00 7.63  ? 111 PRO A O   1 
ATOM   623 C CB  . PRO A 1 77 ? -6.801  -11.515 3.133   1.00 9.70  ? 111 PRO A CB  1 
ATOM   624 C CG  . PRO A 1 77 ? -6.513  -11.980 4.550   1.00 11.34 ? 111 PRO A CG  1 
ATOM   625 C CD  . PRO A 1 77 ? -5.137  -11.504 4.866   1.00 10.32 ? 111 PRO A CD  1 
ATOM   626 N N   . LEU A 1 78 ? -4.295  -9.141  2.268   1.00 8.00  ? 112 LEU A N   1 
ATOM   627 C CA  . LEU A 1 78 ? -4.175  -7.733  1.892   1.00 9.58  ? 112 LEU A CA  1 
ATOM   628 C C   . LEU A 1 78 ? -4.383  -7.496  0.399   1.00 8.21  ? 112 LEU A C   1 
ATOM   629 O O   . LEU A 1 78 ? -3.849  -8.224  -0.438  1.00 7.50  ? 112 LEU A O   1 
ATOM   630 C CB  . LEU A 1 78 ? -2.816  -7.176  2.320   1.00 8.27  ? 112 LEU A CB  1 
ATOM   631 C CG  . LEU A 1 78 ? -2.657  -5.656  2.216   1.00 9.75  ? 112 LEU A CG  1 
ATOM   632 C CD1 . LEU A 1 78 ? -3.586  -4.957  3.196   1.00 8.94  ? 112 LEU A CD1 1 
ATOM   633 C CD2 . LEU A 1 78 ? -1.213  -5.248  2.460   1.00 9.87  ? 112 LEU A CD2 1 
ATOM   634 N N   . GLN A 1 79 ? -5.160  -6.467  0.073   1.00 6.11  ? 113 GLN A N   1 
ATOM   635 C CA  . GLN A 1 79 ? -5.373  -6.077  -1.315  1.00 8.22  ? 113 GLN A CA  1 
ATOM   636 C C   . GLN A 1 79 ? -4.695  -4.746  -1.617  1.00 7.81  ? 113 GLN A C   1 
ATOM   637 O O   . GLN A 1 79 ? -4.673  -3.839  -0.785  1.00 8.11  ? 113 GLN A O   1 
ATOM   638 C CB  . GLN A 1 79 ? -6.867  -5.993  -1.639  1.00 8.66  ? 113 GLN A CB  1 
ATOM   639 C CG  . GLN A 1 79 ? -7.582  -7.336  -1.663  1.00 10.76 ? 113 GLN A CG  1 
ATOM   640 C CD  . GLN A 1 79 ? -7.324  -8.125  -2.935  1.00 11.20 ? 113 GLN A CD  1 
ATOM   641 O OE1 . GLN A 1 79 ? -8.057  -9.102  -3.198  1.00 16.34 ? 113 GLN A OE1 1 
ATOM   642 N NE2 . GLN A 1 79 ? -6.382  -7.767  -3.673  1.00 12.81 ? 113 GLN A NE2 1 
ATOM   643 N N   . CYS A 1 80 ? -4.144  -4.644  -2.820  1.00 7.45  ? 114 CYS A N   1 
ATOM   644 C CA  . CYS A 1 80 ? -3.450  -3.448  -3.264  1.00 7.62  ? 114 CYS A CA  1 
ATOM   645 C C   . CYS A 1 80 ? -3.763  -3.250  -4.740  1.00 7.36  ? 114 CYS A C   1 
ATOM   646 O O   . CYS A 1 80 ? -3.921  -4.219  -5.479  1.00 8.20  ? 114 CYS A O   1 
ATOM   647 C CB  . CYS A 1 80 ? -1.943  -3.610  -3.050  1.00 7.46  ? 114 CYS A CB  1 
ATOM   648 S SG  . CYS A 1 80 ? -0.932  -2.182  -3.511  1.00 10.02 ? 114 CYS A SG  1 
ATOM   649 N N   . THR A 1 81 ? -3.867  -1.999  -5.170  1.00 10.00 ? 115 THR A N   1 
ATOM   650 C CA  . THR A 1 81 ? -4.214  -1.707  -6.555  1.00 7.39  ? 115 THR A CA  1 
ATOM   651 C C   . THR A 1 81 ? -3.734  -0.316  -6.950  1.00 9.48  ? 115 THR A C   1 
ATOM   652 O O   . THR A 1 81 ? -3.356  0.483   -6.098  1.00 9.73  ? 115 THR A O   1 
ATOM   653 C CB  . THR A 1 81 ? -5.736  -1.833  -6.787  1.00 10.99 ? 115 THR A CB  1 
ATOM   654 O OG1 . THR A 1 81 ? -6.010  -1.906  -8.192  1.00 14.62 ? 115 THR A OG1 1 
ATOM   655 C CG2 . THR A 1 81 ? -6.477  -0.648  -6.179  1.00 11.26 ? 115 THR A CG2 1 
ATOM   656 N N   . MET A 1 82 ? -3.737  -0.034  -8.248  1.00 8.51  ? 116 MET A N   1 
ATOM   657 C CA  . MET A 1 82 ? -3.315  1.270   -8.741  1.00 10.81 ? 116 MET A CA  1 
ATOM   658 C C   . MET A 1 82 ? -4.312  1.834   -9.741  1.00 10.52 ? 116 MET A C   1 
ATOM   659 O O   . MET A 1 82 ? -5.011  1.093   -10.431 1.00 11.35 ? 116 MET A O   1 
ATOM   660 C CB  . MET A 1 82 ? -1.930  1.183   -9.382  1.00 9.39  ? 116 MET A CB  1 
ATOM   661 C CG  . MET A 1 82 ? -1.776  0.010   -10.328 1.00 15.04 ? 116 MET A CG  1 
ATOM   662 S SD  . MET A 1 82 ? -0.662  0.360   -11.696 1.00 25.73 ? 116 MET A SD  1 
ATOM   663 C CE  . MET A 1 82 ? -1.350  1.908   -12.258 1.00 12.65 ? 116 MET A CE  1 
ATOM   664 N N   . GLU A 1 83 ? -4.365  3.158   -9.813  1.00 9.67  ? 117 GLU A N   1 
ATOM   665 C CA  . GLU A 1 83 ? -5.266  3.846   -10.719 1.00 11.59 ? 117 GLU A CA  1 
ATOM   666 C C   . GLU A 1 83 ? -4.676  5.204   -11.061 1.00 10.12 ? 117 GLU A C   1 
ATOM   667 O O   . GLU A 1 83 ? -3.771  5.682   -10.379 1.00 10.74 ? 117 GLU A O   1 
ATOM   668 C CB  . GLU A 1 83 ? -6.647  4.003   -10.081 1.00 11.77 ? 117 GLU A CB  1 
ATOM   669 C CG  . GLU A 1 83 ? -6.641  4.743   -8.751  1.00 13.96 ? 117 GLU A CG  1 
ATOM   670 C CD  . GLU A 1 83 ? -7.998  4.740   -8.071  1.00 16.53 ? 117 GLU A CD  1 
ATOM   671 O OE1 . GLU A 1 83 ? -8.812  3.841   -8.369  1.00 17.64 ? 117 GLU A OE1 1 
ATOM   672 O OE2 . GLU A 1 83 ? -8.250  5.633   -7.237  1.00 16.62 ? 117 GLU A OE2 1 
ATOM   673 N N   . LYS A 1 84 ? -5.187  5.821   -12.120 1.00 10.55 ? 118 LYS A N   1 
ATOM   674 C CA  . LYS A 1 84 ? -4.678  7.112   -12.569 1.00 13.54 ? 118 LYS A CA  1 
ATOM   675 C C   . LYS A 1 84 ? -4.775  8.172   -11.475 1.00 14.05 ? 118 LYS A C   1 
ATOM   676 O O   . LYS A 1 84 ? -5.817  8.335   -10.841 1.00 14.96 ? 118 LYS A O   1 
ATOM   677 C CB  . LYS A 1 84 ? -5.421  7.570   -13.828 1.00 15.61 ? 118 LYS A CB  1 
ATOM   678 C CG  . LYS A 1 84 ? -5.328  6.580   -14.979 1.00 20.05 ? 118 LYS A CG  1 
ATOM   679 C CD  . LYS A 1 84 ? -6.328  6.875   -16.090 1.00 31.74 ? 118 LYS A CD  1 
ATOM   680 C CE  . LYS A 1 84 ? -5.861  8.012   -16.984 1.00 32.34 ? 118 LYS A CE  1 
ATOM   681 N NZ  . LYS A 1 84 ? -6.733  8.164   -18.183 1.00 33.13 ? 118 LYS A NZ  1 
ATOM   682 N N   . ASP A 1 85 ? -3.677  8.884   -11.250 1.00 10.96 ? 119 ASP A N   1 
ATOM   683 C CA  . ASP A 1 85 ? -3.683  10.009  -10.324 1.00 19.67 ? 119 ASP A CA  1 
ATOM   684 C C   . ASP A 1 85 ? -4.473  11.187  -10.879 1.00 18.16 ? 119 ASP A C   1 
ATOM   685 O O   . ASP A 1 85 ? -5.073  11.945  -10.125 1.00 23.76 ? 119 ASP A O   1 
ATOM   686 C CB  . ASP A 1 85 ? -2.251  10.431  -9.971  1.00 16.78 ? 119 ASP A CB  1 
ATOM   687 C CG  . ASP A 1 85 ? -2.196  11.355  -8.772  1.00 21.35 ? 119 ASP A CG  1 
ATOM   688 O OD1 . ASP A 1 85 ? -3.007  11.161  -7.845  1.00 20.19 ? 119 ASP A OD1 1 
ATOM   689 O OD2 . ASP A 1 85 ? -1.350  12.277  -8.756  1.00 24.81 ? 119 ASP A OD2 1 
ATOM   690 O OXT . ASP A 1 85 ? -4.533  11.403  -12.090 1.00 19.44 ? 119 ASP A OXT 1 
ATOM   691 N N   . LEU B 2 1  ? -7.512  -3.439  9.987   1.00 9.70  ? 1   LEU C N   1 
ATOM   692 C CA  . LEU B 2 1  ? -6.303  -4.242  10.124  1.00 10.58 ? 1   LEU C CA  1 
ATOM   693 C C   . LEU B 2 1  ? -6.233  -4.902  11.498  1.00 14.21 ? 1   LEU C C   1 
ATOM   694 O O   . LEU B 2 1  ? -6.887  -4.460  12.441  1.00 14.91 ? 1   LEU C O   1 
ATOM   695 C CB  . LEU B 2 1  ? -5.060  -3.380  9.889   1.00 10.99 ? 1   LEU C CB  1 
ATOM   696 C CG  . LEU B 2 1  ? -4.962  -2.695  8.525   1.00 13.23 ? 1   LEU C CG  1 
ATOM   697 C CD1 . LEU B 2 1  ? -3.775  -1.743  8.486   1.00 10.45 ? 1   LEU C CD1 1 
ATOM   698 C CD2 . LEU B 2 1  ? -4.866  -3.723  7.406   1.00 8.86  ? 1   LEU C CD2 1 
ATOM   699 N N   . LEU B 2 2  ? -5.436  -5.960  11.601  1.00 13.54 ? 2   LEU C N   1 
ATOM   700 C CA  . LEU B 2 2  ? -5.277  -6.687  12.855  1.00 16.74 ? 2   LEU C CA  1 
ATOM   701 C C   . LEU B 2 2  ? -4.356  -5.939  13.818  1.00 18.89 ? 2   LEU C C   1 
ATOM   702 O O   . LEU B 2 2  ? -3.413  -5.272  13.392  1.00 18.56 ? 2   LEU C O   1 
ATOM   703 C CB  . LEU B 2 2  ? -4.734  -8.092  12.588  1.00 17.64 ? 2   LEU C CB  1 
ATOM   704 C CG  . LEU B 2 2  ? -4.445  -8.983  13.798  1.00 22.57 ? 2   LEU C CG  1 
ATOM   705 C CD1 . LEU B 2 2  ? -5.719  -9.264  14.580  1.00 28.34 ? 2   LEU C CD1 1 
ATOM   706 C CD2 . LEU B 2 2  ? -3.788  -10.281 13.357  1.00 18.75 ? 2   LEU C CD2 1 
ATOM   707 N N   . LEU B 2 3  ? -4.643  -6.066  15.111  1.00 23.38 ? 3   LEU C N   1 
ATOM   708 C CA  . LEU B 2 3  ? -3.903  -5.381  16.173  1.00 25.96 ? 3   LEU C CA  1 
ATOM   709 C C   . LEU B 2 3  ? -4.404  -3.954  16.380  1.00 29.80 ? 3   LEU C C   1 
ATOM   710 O O   . LEU B 2 3  ? -4.491  -3.470  17.510  1.00 35.72 ? 3   LEU C O   1 
ATOM   711 C CB  . LEU B 2 3  ? -2.391  -5.400  15.917  1.00 31.41 ? 3   LEU C CB  1 
ATOM   712 C CG  . LEU B 2 3  ? -1.505  -4.669  16.933  1.00 30.46 ? 3   LEU C CG  1 
ATOM   713 C CD1 . LEU B 2 3  ? -0.097  -5.244  16.938  1.00 34.38 ? 3   LEU C CD1 1 
ATOM   714 C CD2 . LEU B 2 3  ? -1.475  -3.167  16.672  1.00 31.73 ? 3   LEU C CD2 1 
ATOM   715 O OXT . LEU B 2 3  ? -4.742  -3.258  15.425  1.00 32.55 ? 3   LEU C OXT 1 
HETATM 716 O O   . HOH C 3 .  ? 8.464   -9.634  1.214   1.00 0.00  ? 1   HOH A O   1 
HETATM 717 O O   . HOH C 3 .  ? 3.816   -11.052 8.874   1.00 2.10  ? 2   HOH A O   1 
HETATM 718 O O   . HOH C 3 .  ? 5.673   4.127   -16.999 1.00 8.62  ? 3   HOH A O   1 
HETATM 719 O O   . HOH C 3 .  ? 5.193   9.247   -4.164  1.00 10.19 ? 4   HOH A O   1 
HETATM 720 O O   . HOH C 3 .  ? 5.488   -5.088  -14.831 1.00 11.60 ? 5   HOH A O   1 
HETATM 721 O O   . HOH C 3 .  ? -6.951  -5.692  2.173   1.00 9.42  ? 6   HOH A O   1 
HETATM 722 O O   . HOH C 3 .  ? 11.814  6.884   9.603   1.00 10.94 ? 7   HOH A O   1 
HETATM 723 O O   . HOH C 3 .  ? -1.382  -2.775  -14.488 1.00 7.11  ? 8   HOH A O   1 
HETATM 724 O O   . HOH C 3 .  ? 9.701   -1.191  -6.345  1.00 9.87  ? 9   HOH A O   1 
HETATM 725 O O   . HOH C 3 .  ? 11.740  -9.980  -0.480  1.00 13.47 ? 10  HOH A O   1 
HETATM 726 O O   . HOH C 3 .  ? -9.410  -6.226  1.194   1.00 11.22 ? 11  HOH A O   1 
HETATM 727 O O   . HOH C 3 .  ? -3.874  -2.240  -10.469 1.00 13.08 ? 12  HOH A O   1 
HETATM 728 O O   . HOH C 3 .  ? 0.516   -4.825  -10.686 1.00 8.68  ? 13  HOH A O   1 
HETATM 729 O O   . HOH C 3 .  ? 3.635   6.968   -16.036 1.00 9.26  ? 14  HOH A O   1 
HETATM 730 O O   . HOH C 3 .  ? 2.410   -14.955 -4.811  1.00 15.38 ? 15  HOH A O   1 
HETATM 731 O O   . HOH C 3 .  ? 6.564   -10.968 10.571  1.00 13.87 ? 16  HOH A O   1 
HETATM 732 O O   . HOH C 3 .  ? 7.196   8.825   -7.560  0.84 13.32 ? 17  HOH A O   1 
HETATM 733 O O   . HOH C 3 .  ? -3.817  7.979   2.966   1.00 14.04 ? 18  HOH A O   1 
HETATM 734 O O   . HOH C 3 .  ? 9.144   4.131   -15.146 1.00 9.51  ? 19  HOH A O   1 
HETATM 735 O O   . HOH C 3 .  ? -0.063  -21.639 2.136   0.75 17.21 ? 20  HOH A O   1 
HETATM 736 O O   . HOH C 3 .  ? -2.911  9.516   5.061   1.00 25.74 ? 21  HOH A O   1 
HETATM 737 O O   . HOH C 3 .  ? -8.964  -9.071  1.504   1.00 10.88 ? 22  HOH A O   1 
HETATM 738 O O   . HOH C 3 .  ? 10.223  -0.292  -9.095  1.00 17.03 ? 23  HOH A O   1 
HETATM 739 O O   . HOH C 3 .  ? -0.017  -21.171 5.958   1.00 21.06 ? 24  HOH A O   1 
HETATM 740 O O   . HOH C 3 .  ? 0.176   -5.990  13.660  1.00 20.19 ? 25  HOH A O   1 
HETATM 741 O O   . HOH C 3 .  ? 10.766  -0.029  -2.994  0.95 11.06 ? 26  HOH A O   1 
HETATM 742 O O   . HOH C 3 .  ? 9.621   7.222   -2.956  1.00 15.90 ? 28  HOH A O   1 
HETATM 743 O O   . HOH C 3 .  ? -3.568  -12.688 8.120   1.00 16.52 ? 29  HOH A O   1 
HETATM 744 O O   . HOH C 3 .  ? -3.618  8.443   10.054  1.00 15.43 ? 30  HOH A O   1 
HETATM 745 O O   . HOH C 3 .  ? -8.096  8.962   14.841  0.94 17.75 ? 31  HOH A O   1 
HETATM 746 O O   . HOH C 3 .  ? 4.434   9.089   -1.357  0.96 18.28 ? 32  HOH A O   1 
HETATM 747 O O   . HOH C 3 .  ? 9.805   -8.843  -2.079  1.00 10.65 ? 33  HOH A O   1 
HETATM 748 O O   . HOH C 3 .  ? 7.700   -9.876  -5.603  1.00 13.84 ? 34  HOH A O   1 
HETATM 749 O O   . HOH C 3 .  ? -10.721 9.698   -7.466  1.00 28.13 ? 120 HOH A O   1 
HETATM 750 O O   . HOH C 3 .  ? -2.706  -15.252 1.868   1.00 22.02 ? 121 HOH A O   1 
HETATM 751 O O   . HOH C 3 .  ? -12.018 11.162  -8.924  1.00 33.12 ? 122 HOH A O   1 
HETATM 752 O O   . HOH C 3 .  ? 7.186   -6.372  -8.594  1.00 22.59 ? 123 HOH A O   1 
HETATM 753 O O   . HOH C 3 .  ? -1.100  -17.332 0.706   1.00 26.40 ? 124 HOH A O   1 
HETATM 754 O O   . HOH C 3 .  ? -3.075  13.748  -17.739 1.00 32.34 ? 125 HOH A O   1 
HETATM 755 O O   . HOH C 3 .  ? -15.543 -9.354  9.767   1.00 39.63 ? 126 HOH A O   1 
HETATM 756 O O   . HOH C 3 .  ? -0.127  -17.925 -1.501  1.00 17.37 ? 127 HOH A O   1 
HETATM 757 O O   . HOH C 3 .  ? 2.188   11.467  11.006  1.00 31.50 ? 128 HOH A O   1 
HETATM 758 O O   . HOH C 3 .  ? 7.239   -8.894  -3.072  1.00 11.88 ? 129 HOH A O   1 
HETATM 759 O O   . HOH C 3 .  ? -5.493  12.206  -7.079  1.00 33.19 ? 130 HOH A O   1 
HETATM 760 O O   . HOH C 3 .  ? -9.282  5.400   -12.770 1.00 24.51 ? 131 HOH A O   1 
HETATM 761 O O   . HOH C 3 .  ? -11.818 -8.088  5.447   1.00 19.53 ? 132 HOH A O   1 
HETATM 762 O O   . HOH C 3 .  ? -10.214 -3.957  10.557  1.00 20.17 ? 133 HOH A O   1 
HETATM 763 O O   . HOH C 3 .  ? 9.473   -0.858  -11.674 0.84 15.02 ? 134 HOH A O   1 
HETATM 764 O O   . HOH C 3 .  ? -13.334 6.454   3.442   0.92 19.64 ? 135 HOH A O   1 
HETATM 765 O O   . HOH C 3 .  ? -6.630  -5.404  -5.423  0.88 14.12 ? 136 HOH A O   1 
HETATM 766 O O   . HOH C 3 .  ? 6.950   7.259   -2.298  1.00 17.91 ? 137 HOH A O   1 
HETATM 767 O O   . HOH C 3 .  ? -2.712  14.291  -6.841  0.99 30.27 ? 138 HOH A O   1 
HETATM 768 O O   . HOH C 3 .  ? 10.878  -7.309  -4.131  0.90 15.57 ? 139 HOH A O   1 
HETATM 769 O O   . HOH C 3 .  ? 6.793   -2.566  -14.434 0.98 8.67  ? 140 HOH A O   1 
HETATM 770 O O   . HOH C 3 .  ? -4.387  1.094   -13.715 1.00 18.49 ? 141 HOH A O   1 
HETATM 771 O O   . HOH C 3 .  ? -8.302  7.006   -11.294 0.93 20.52 ? 142 HOH A O   1 
HETATM 772 O O   . HOH C 3 .  ? 12.479  -2.491  -6.180  0.90 21.13 ? 143 HOH A O   1 
HETATM 773 O O   . HOH C 3 .  ? 5.795   -16.109 -4.580  0.80 16.97 ? 144 HOH A O   1 
HETATM 774 O O   . HOH C 3 .  ? 10.013  8.665   10.826  0.90 16.88 ? 145 HOH A O   1 
HETATM 775 O O   . HOH C 3 .  ? -6.300  9.874   12.971  0.82 18.24 ? 146 HOH A O   1 
HETATM 776 O O   . HOH C 3 .  ? -10.282 -10.601 12.558  1.00 28.49 ? 147 HOH A O   1 
HETATM 777 O O   . HOH C 3 .  ? 7.989   8.971   3.794   0.93 11.35 ? 148 HOH A O   1 
HETATM 778 O O   . HOH C 3 .  ? 10.587  9.917   3.718   0.80 16.30 ? 149 HOH A O   1 
HETATM 779 O O   . HOH C 3 .  ? -0.835  12.267  -12.751 1.00 17.60 ? 150 HOH A O   1 
HETATM 780 O O   . HOH C 3 .  ? -1.365  8.978   1.712   1.00 16.64 ? 151 HOH A O   1 
HETATM 781 O O   . HOH C 3 .  ? -8.103  8.469   9.877   1.00 25.02 ? 152 HOH A O   1 
HETATM 782 O O   . HOH C 3 .  ? -11.588 -6.169  3.042   0.83 13.50 ? 153 HOH A O   1 
HETATM 783 O O   . HOH C 3 .  ? 11.448  4.101   18.938  1.00 22.10 ? 154 HOH A O   1 
HETATM 784 O O   . HOH C 3 .  ? 8.639   0.732   11.989  1.00 17.22 ? 155 HOH A O   1 
HETATM 785 O O   . HOH C 3 .  ? 11.357  0.415   -13.168 0.82 17.18 ? 156 HOH A O   1 
HETATM 786 O O   . HOH C 3 .  ? 2.346   10.473  1.843   1.00 23.39 ? 157 HOH A O   1 
HETATM 787 O O   . HOH C 3 .  ? 5.105   -2.014  -16.694 0.84 8.28  ? 158 HOH A O   1 
HETATM 788 O O   . HOH C 3 .  ? 8.751   11.612  8.010   0.88 19.59 ? 159 HOH A O   1 
HETATM 789 O O   . HOH C 3 .  ? 3.928   -18.994 2.603   0.82 19.90 ? 160 HOH A O   1 
HETATM 790 O O   . HOH C 3 .  ? 10.254  -8.920  -6.330  1.00 20.11 ? 161 HOH A O   1 
HETATM 791 O O   . HOH C 3 .  ? 8.838   -1.644  10.836  0.90 21.71 ? 162 HOH A O   1 
HETATM 792 O O   . HOH C 3 .  ? 11.171  0.849   13.097  0.88 25.27 ? 163 HOH A O   1 
HETATM 793 O O   . HOH C 3 .  ? -10.763 -1.278  10.903  0.67 19.30 ? 164 HOH A O   1 
HETATM 794 O O   . HOH C 3 .  ? -7.633  11.262  -9.782  1.00 28.47 ? 165 HOH A O   1 
HETATM 795 O O   . HOH C 3 .  ? 4.398   -17.879 -2.981  1.00 24.65 ? 166 HOH A O   1 
HETATM 796 O O   . HOH C 3 .  ? 2.021   -16.630 -2.302  0.84 17.01 ? 167 HOH A O   1 
HETATM 797 O O   . HOH C 3 .  ? 1.247   14.364  -12.226 0.91 15.57 ? 168 HOH A O   1 
HETATM 798 O O   . HOH C 3 .  ? 6.097   -9.258  -7.867  0.86 13.43 ? 169 HOH A O   1 
HETATM 799 O O   . HOH C 3 .  ? -2.856  9.642   -14.651 0.99 24.24 ? 170 HOH A O   1 
HETATM 800 O O   . HOH C 3 .  ? 12.614  0.531   15.405  0.96 21.28 ? 171 HOH A O   1 
HETATM 801 O O   . HOH C 3 .  ? -11.331 -2.173  2.570   0.91 12.64 ? 172 HOH A O   1 
HETATM 802 O O   . HOH C 3 .  ? 10.706  1.634   -15.571 0.78 22.24 ? 173 HOH A O   1 
HETATM 803 O O   . HOH C 3 .  ? 11.461  11.217  10.149  1.00 37.16 ? 174 HOH A O   1 
HETATM 804 O O   . HOH C 3 .  ? 2.456   8.947   12.216  0.92 20.91 ? 175 HOH A O   1 
HETATM 805 O O   . HOH C 3 .  ? -7.081  10.307  8.162   0.85 25.07 ? 176 HOH A O   1 
HETATM 806 O O   . HOH C 3 .  ? -3.127  11.733  -4.843  0.79 25.89 ? 177 HOH A O   1 
HETATM 807 O O   . HOH C 3 .  ? -4.312  10.565  8.437   1.00 29.87 ? 178 HOH A O   1 
HETATM 808 O O   . HOH C 3 .  ? 6.126   -3.188  11.464  0.88 20.30 ? 179 HOH A O   1 
HETATM 809 O O   . HOH C 3 .  ? -12.706 -1.698  6.219   1.00 20.25 ? 180 HOH A O   1 
HETATM 810 O O   . HOH C 3 .  ? 9.765   -9.380  -9.031  0.96 34.39 ? 181 HOH A O   1 
HETATM 811 O O   . HOH C 3 .  ? 10.716  -11.427 -3.668  0.81 19.81 ? 182 HOH A O   1 
HETATM 812 O O   . HOH C 3 .  ? 14.081  5.593   13.434  1.00 20.59 ? 183 HOH A O   1 
HETATM 813 O O   . HOH C 3 .  ? -8.964  9.547   -12.323 1.00 29.62 ? 184 HOH A O   1 
HETATM 814 O O   . HOH C 3 .  ? -11.037 -2.238  13.487  0.94 27.04 ? 185 HOH A O   1 
HETATM 815 O O   . HOH C 3 .  ? 13.265  2.627   17.584  0.96 17.65 ? 186 HOH A O   1 
HETATM 816 O O   . HOH C 3 .  ? 11.230  0.466   17.870  0.99 21.13 ? 187 HOH A O   1 
HETATM 817 O O   . HOH C 3 .  ? 6.659   -5.944  10.947  0.52 18.05 ? 188 HOH A O   1 
HETATM 818 O O   . HOH C 3 .  ? 8.244   12.718  5.717   1.00 22.87 ? 189 HOH A O   1 
HETATM 819 O O   . HOH C 3 .  ? 7.977   6.636   -10.722 1.00 15.76 ? 190 HOH A O   1 
HETATM 820 O O   . HOH C 3 .  ? 8.806   -12.732 -5.021  1.00 19.14 ? 191 HOH A O   1 
HETATM 821 O O   . HOH C 3 .  ? 0.800   13.695  -7.765  1.00 15.22 ? 192 HOH A O   1 
HETATM 822 O O   . HOH C 3 .  ? 1.307   -2.193  16.223  1.00 31.48 ? 193 HOH A O   1 
HETATM 823 O O   . HOH C 3 .  ? -5.753  14.457  -10.311 1.00 27.08 ? 194 HOH A O   1 
HETATM 824 O O   . HOH C 3 .  ? 1.903   8.759   -0.038  1.00 19.15 ? 195 HOH A O   1 
HETATM 825 O O   . HOH C 3 .  ? 5.476   10.359  2.335   1.00 26.49 ? 196 HOH A O   1 
HETATM 826 O O   . HOH C 3 .  ? 10.362  8.227   -0.339  1.00 25.00 ? 197 HOH A O   1 
HETATM 827 O O   . HOH C 3 .  ? 7.741   9.137   0.873   1.00 23.62 ? 198 HOH A O   1 
HETATM 828 O O   . HOH C 3 .  ? 6.165   11.162  -0.156  1.00 22.41 ? 199 HOH A O   1 
HETATM 829 O O   . HOH C 3 .  ? 7.534   -8.488  7.142   1.00 16.45 ? 200 HOH A O   1 
HETATM 830 O O   . HOH C 3 .  ? 13.587  -6.989  -4.009  1.00 20.88 ? 201 HOH A O   1 
HETATM 831 O O   . HOH C 3 .  ? 3.616   -8.380  10.811  1.00 26.19 ? 202 HOH A O   1 
HETATM 832 O O   . HOH C 3 .  ? 8.995   -6.476  9.411   1.00 28.71 ? 203 HOH A O   1 
HETATM 833 O O   . HOH C 3 .  ? 14.917  -9.027  -2.522  1.00 24.64 ? 204 HOH A O   1 
HETATM 834 O O   . HOH C 3 .  ? -5.830  11.030  -17.430 1.00 33.43 ? 205 HOH A O   1 
HETATM 835 O O   . HOH C 3 .  ? -5.953  8.233   11.040  1.00 24.73 ? 206 HOH A O   1 
HETATM 836 O O   . HOH C 3 .  ? 15.671  -9.323  0.689   1.00 24.40 ? 207 HOH A O   1 
HETATM 837 O O   . HOH C 3 .  ? 8.758   13.777  12.207  1.00 36.50 ? 208 HOH A O   1 
HETATM 838 O O   . HOH C 3 .  ? -7.461  7.873   1.650   1.00 30.40 ? 209 HOH A O   1 
HETATM 839 O O   . HOH C 3 .  ? -5.244  -1.345  -12.300 1.00 18.31 ? 210 HOH A O   1 
HETATM 840 O O   . HOH D 3 .  ? -7.553  -6.400  15.899  1.00 27.30 ? 27  HOH C O   1 
HETATM 841 O O   . HOH D 3 .  ? -4.620  -8.691  17.651  1.00 27.79 ? 74  HOH C O   1 
HETATM 842 O O   . HOH D 3 .  ? -5.967  -6.158  17.967  1.00 39.00 ? 97  HOH C O   1 
# 
